data_7FSZ
#
_entry.id   7FSZ
#
_cell.length_a   80.265
_cell.length_b   49.403
_cell.length_c   115.536
_cell.angle_alpha   90.000
_cell.angle_beta   94.630
_cell.angle_gamma   90.000
#
_symmetry.space_group_name_H-M   'P 1 21 1'
#
loop_
_entity.id
_entity.type
_entity.pdbx_description
1 polymer Syntenin-1
2 non-polymer 1,2-ETHANEDIOL
3 non-polymer 'D-GLUTAMIC ACID'
4 non-polymer GLYCINE
5 non-polymer (5S)-5-(difluoromethoxy)pyridin-2(5H)-one
6 non-polymer 'SULFATE ION'
7 water water
#
_entity_poly.entity_id   1
_entity_poly.type   'polypeptide(L)'
_entity_poly.pdbx_seq_one_letter_code
;SMAEIKQGIREVILCKDQDGKIGLRLKSIDNGIFVQLVQANSPASLVGLRFGDQVLQINGENCAGWSSDKAHKVLKQAFG
EKITMTIRDRPFERTITMHKDSTGHVGFIFKNGKITSIVKDSSAARNGLLTEHNICEINGQNVIGLKDSQIADILSTSGT
VVTITIMPAFIFEHIIKRMAPSIMKSLMDHTIPEV
;
_entity_poly.pdbx_strand_id   A,B,C,D
#
loop_
_chem_comp.id
_chem_comp.type
_chem_comp.name
_chem_comp.formula
EDO non-polymer 1,2-ETHANEDIOL 'C2 H6 O2'
LQ3 non-polymer (5S)-5-(difluoromethoxy)pyridin-2(5H)-one 'C6 H5 F2 N O2'
SO4 non-polymer 'SULFATE ION' 'O4 S -2'
#
# COMPACT_ATOMS: atom_id res chain seq x y z
N ILE A 5 -8.61 25.70 -9.36
CA ILE A 5 -7.89 24.41 -9.61
C ILE A 5 -7.54 24.35 -11.12
N LYS A 6 -6.24 24.39 -11.44
CA LYS A 6 -5.72 24.58 -12.80
C LYS A 6 -5.56 23.21 -13.47
N GLN A 7 -6.21 23.02 -14.62
CA GLN A 7 -6.31 21.71 -15.25
C GLN A 7 -4.94 21.30 -15.79
N GLY A 8 -4.64 19.99 -15.71
CA GLY A 8 -3.37 19.47 -16.15
C GLY A 8 -2.20 19.85 -15.25
N ILE A 9 -1.03 19.86 -15.90
CA ILE A 9 0.26 19.61 -15.30
C ILE A 9 1.16 20.84 -15.49
N ARG A 10 1.98 21.16 -14.49
CA ARG A 10 2.94 22.25 -14.63
C ARG A 10 4.27 21.77 -14.06
N GLU A 11 5.33 22.56 -14.32
CA GLU A 11 6.66 22.23 -13.86
C GLU A 11 7.10 23.32 -12.88
N VAL A 12 7.67 22.91 -11.74
CA VAL A 12 8.26 23.83 -10.80
C VAL A 12 9.74 23.47 -10.62
N ILE A 13 10.52 24.49 -10.32
CA ILE A 13 11.95 24.37 -10.06
C ILE A 13 12.20 24.87 -8.64
N LEU A 14 12.87 24.06 -7.83
CA LEU A 14 13.20 24.38 -6.46
C LEU A 14 14.71 24.42 -6.28
N CYS A 15 15.11 25.16 -5.23
CA CYS A 15 16.46 25.24 -4.72
C CYS A 15 16.36 24.87 -3.23
N LYS A 16 17.18 23.90 -2.76
CA LYS A 16 17.29 23.70 -1.31
C LYS A 16 17.79 25.00 -0.68
N ASP A 17 17.22 25.38 0.48
CA ASP A 17 17.63 26.58 1.17
C ASP A 17 18.98 26.31 1.85
N GLN A 18 19.42 27.27 2.69
CA GLN A 18 20.69 27.25 3.39
C GLN A 18 20.84 25.96 4.22
N ASP A 19 19.73 25.56 4.84
CA ASP A 19 19.68 24.43 5.76
C ASP A 19 19.51 23.09 5.03
N GLY A 20 19.43 23.12 3.69
CA GLY A 20 19.22 21.91 2.89
C GLY A 20 17.77 21.44 2.85
N LYS A 21 16.81 22.34 3.15
CA LYS A 21 15.39 22.03 3.19
C LYS A 21 14.70 22.56 1.95
N ILE A 22 13.53 21.99 1.65
CA ILE A 22 12.62 22.52 0.67
C ILE A 22 11.31 22.93 1.34
N GLY A 23 11.02 22.39 2.53
CA GLY A 23 9.82 22.70 3.26
C GLY A 23 8.60 21.92 2.77
N LEU A 24 8.77 20.62 2.48
CA LEU A 24 7.73 19.77 1.92
C LEU A 24 7.65 18.50 2.76
N ARG A 25 6.44 17.98 2.97
CA ARG A 25 6.31 16.56 3.28
C ARG A 25 5.29 15.93 2.34
N LEU A 26 5.57 14.69 1.92
CA LEU A 26 4.88 14.00 0.85
C LEU A 26 4.19 12.77 1.44
N LYS A 27 3.14 12.28 0.74
CA LYS A 27 2.32 11.18 1.22
C LYS A 27 1.89 10.29 0.03
N SER A 28 1.96 8.96 0.24
CA SER A 28 1.52 7.97 -0.73
C SER A 28 0.00 7.86 -0.67
N ILE A 29 -0.66 8.09 -1.81
CA ILE A 29 -2.11 7.96 -1.92
C ILE A 29 -2.43 7.31 -3.26
N ASP A 30 -3.09 6.15 -3.22
CA ASP A 30 -3.58 5.49 -4.41
C ASP A 30 -2.48 5.40 -5.46
N ASN A 31 -1.26 5.02 -5.03
CA ASN A 31 -0.09 4.83 -5.89
C ASN A 31 0.38 6.11 -6.59
N GLY A 32 0.01 7.25 -6.01
CA GLY A 32 0.67 8.48 -6.37
C GLY A 32 1.33 9.08 -5.14
N ILE A 33 1.95 10.25 -5.36
CA ILE A 33 2.57 11.04 -4.30
C ILE A 33 1.90 12.41 -4.26
N PHE A 34 1.49 12.82 -3.06
CA PHE A 34 0.74 14.05 -2.83
C PHE A 34 1.37 14.85 -1.70
N VAL A 35 1.21 16.17 -1.75
CA VAL A 35 1.77 17.07 -0.74
C VAL A 35 0.88 17.05 0.50
N GLN A 36 1.49 16.60 1.61
CA GLN A 36 0.85 16.51 2.92
C GLN A 36 1.06 17.79 3.73
N LEU A 37 2.19 18.47 3.54
CA LEU A 37 2.51 19.70 4.28
C LEU A 37 3.46 20.60 3.48
N VAL A 38 3.14 21.90 3.43
CA VAL A 38 4.05 22.89 2.88
C VAL A 38 4.40 23.82 4.05
N GLN A 39 5.70 24.08 4.27
CA GLN A 39 6.18 24.93 5.36
C GLN A 39 6.15 26.38 4.91
N ALA A 40 5.72 27.26 5.82
CA ALA A 40 5.75 28.70 5.57
C ALA A 40 7.20 29.13 5.31
N ASN A 41 7.38 30.14 4.44
CA ASN A 41 8.69 30.75 4.20
C ASN A 41 9.65 29.74 3.58
N SER A 42 9.13 28.68 2.94
CA SER A 42 10.00 27.63 2.42
C SER A 42 10.16 27.82 0.91
N PRO A 43 11.19 27.21 0.29
CA PRO A 43 11.28 27.15 -1.17
C PRO A 43 10.04 26.58 -1.83
N ALA A 44 9.41 25.61 -1.15
CA ALA A 44 8.21 24.98 -1.70
C ALA A 44 7.05 25.98 -1.72
N SER A 45 6.87 26.73 -0.63
CA SER A 45 5.81 27.73 -0.58
C SER A 45 6.07 28.80 -1.65
N LEU A 46 7.33 29.27 -1.73
CA LEU A 46 7.68 30.35 -2.65
C LEU A 46 7.42 29.97 -4.10
N VAL A 47 7.58 28.69 -4.46
CA VAL A 47 7.41 28.31 -5.86
C VAL A 47 5.96 27.94 -6.11
N GLY A 48 5.11 27.92 -5.06
CA GLY A 48 3.67 27.82 -5.27
C GLY A 48 3.09 26.42 -5.06
N LEU A 49 3.85 25.53 -4.40
CA LEU A 49 3.33 24.22 -4.07
C LEU A 49 2.30 24.37 -2.96
N ARG A 50 1.27 23.53 -3.06
CA ARG A 50 0.08 23.58 -2.23
C ARG A 50 -0.26 22.18 -1.74
N PHE A 51 -0.77 22.12 -0.51
CA PHE A 51 -1.39 20.94 0.05
C PHE A 51 -2.30 20.28 -0.98
N GLY A 52 -2.16 18.95 -1.14
CA GLY A 52 -3.06 18.21 -2.03
C GLY A 52 -2.56 18.13 -3.48
N ASP A 53 -1.47 18.83 -3.78
CA ASP A 53 -0.87 18.79 -5.10
C ASP A 53 -0.27 17.39 -5.30
N GLN A 54 -0.38 16.88 -6.54
CA GLN A 54 0.25 15.63 -6.90
C GLN A 54 1.62 15.89 -7.52
N VAL A 55 2.64 15.17 -7.04
CA VAL A 55 3.96 15.16 -7.66
C VAL A 55 4.06 13.96 -8.60
N LEU A 56 4.10 14.24 -9.92
CA LEU A 56 4.13 13.20 -10.95
C LEU A 56 5.56 12.73 -11.13
N GLN A 57 6.48 13.69 -11.33
CA GLN A 57 7.91 13.42 -11.47
C GLN A 57 8.70 14.22 -10.44
N ILE A 58 9.88 13.69 -10.09
CA ILE A 58 10.96 14.44 -9.44
C ILE A 58 12.23 14.20 -10.25
N ASN A 59 12.82 15.29 -10.73
CA ASN A 59 14.01 15.28 -11.55
C ASN A 59 13.80 14.35 -12.75
N GLY A 60 12.57 14.30 -13.27
CA GLY A 60 12.28 13.54 -14.48
C GLY A 60 11.89 12.09 -14.20
N GLU A 61 11.95 11.66 -12.93
CA GLU A 61 11.64 10.29 -12.55
C GLU A 61 10.20 10.21 -12.04
N ASN A 62 9.44 9.21 -12.50
CA ASN A 62 8.04 9.03 -12.15
C ASN A 62 7.89 8.60 -10.70
N CYS A 63 6.93 9.21 -9.99
CA CYS A 63 6.71 8.97 -8.57
C CYS A 63 5.72 7.83 -8.33
N ALA A 64 5.09 7.37 -9.42
CA ALA A 64 4.09 6.31 -9.35
C ALA A 64 4.59 5.14 -8.51
N GLY A 65 3.82 4.78 -7.48
CA GLY A 65 4.09 3.61 -6.67
C GLY A 65 4.96 3.89 -5.45
N TRP A 66 5.71 5.00 -5.45
CA TRP A 66 6.66 5.26 -4.38
C TRP A 66 5.93 5.30 -3.05
N SER A 67 6.59 4.78 -2.01
CA SER A 67 6.19 5.08 -0.64
C SER A 67 6.59 6.51 -0.33
N SER A 68 6.04 7.04 0.78
CA SER A 68 6.38 8.34 1.31
C SER A 68 7.87 8.39 1.64
N ASP A 69 8.38 7.32 2.28
CA ASP A 69 9.76 7.25 2.70
C ASP A 69 10.68 7.30 1.49
N LYS A 70 10.29 6.65 0.40
CA LYS A 70 11.13 6.67 -0.80
C LYS A 70 11.14 8.06 -1.44
N ALA A 71 10.03 8.80 -1.40
CA ALA A 71 10.01 10.11 -2.05
C ALA A 71 10.88 11.09 -1.27
N HIS A 72 10.74 11.09 0.06
CA HIS A 72 11.59 11.87 0.96
C HIS A 72 13.08 11.58 0.76
N LYS A 73 13.41 10.29 0.62
CA LYS A 73 14.79 9.89 0.42
C LYS A 73 15.32 10.45 -0.90
N VAL A 74 14.54 10.36 -1.98
CA VAL A 74 14.96 10.87 -3.28
C VAL A 74 15.27 12.37 -3.20
N LEU A 75 14.46 13.12 -2.44
CA LEU A 75 14.64 14.55 -2.27
C LEU A 75 15.89 14.84 -1.42
N LYS A 76 16.06 14.06 -0.36
CA LYS A 76 17.23 14.20 0.49
C LYS A 76 18.50 13.93 -0.32
N GLN A 77 18.43 13.05 -1.32
CA GLN A 77 19.58 12.64 -2.10
C GLN A 77 19.83 13.49 -3.35
N ALA A 78 18.93 14.44 -3.65
CA ALA A 78 19.06 15.25 -4.85
C ALA A 78 20.03 16.42 -4.63
N PHE A 79 20.85 16.70 -5.65
CA PHE A 79 21.64 17.93 -5.71
C PHE A 79 20.72 19.12 -5.49
N GLY A 80 20.98 19.93 -4.45
CA GLY A 80 20.06 20.96 -4.00
C GLY A 80 19.96 22.12 -4.98
N GLU A 81 20.89 22.12 -5.96
CA GLU A 81 21.06 23.12 -7.01
C GLU A 81 19.76 23.46 -7.72
N LYS A 82 19.11 22.45 -8.30
CA LYS A 82 17.94 22.62 -9.14
C LYS A 82 17.18 21.31 -9.10
N ILE A 83 16.03 21.30 -8.39
CA ILE A 83 15.13 20.16 -8.36
C ILE A 83 13.89 20.51 -9.19
N THR A 84 13.64 19.72 -10.24
CA THR A 84 12.46 19.91 -11.06
C THR A 84 11.40 18.93 -10.59
N MET A 85 10.18 19.44 -10.41
CA MET A 85 9.05 18.60 -10.09
C MET A 85 7.94 18.90 -11.10
N THR A 86 7.27 17.82 -11.52
CA THR A 86 6.11 17.96 -12.37
C THR A 86 4.88 17.74 -11.50
N ILE A 87 3.93 18.68 -11.57
CA ILE A 87 2.86 18.84 -10.60
C ILE A 87 1.52 18.84 -11.33
N ARG A 88 0.56 18.07 -10.82
CA ARG A 88 -0.85 18.21 -11.16
C ARG A 88 -1.52 18.94 -10.00
N ASP A 89 -2.32 19.98 -10.34
CA ASP A 89 -2.86 20.93 -9.37
C ASP A 89 -3.98 20.30 -8.57
N ARG A 90 -3.79 20.25 -7.25
CA ARG A 90 -4.80 19.86 -6.27
C ARG A 90 -5.91 18.98 -6.84
N PRO A 91 -5.61 17.76 -7.34
CA PRO A 91 -6.59 16.94 -8.04
C PRO A 91 -7.75 16.37 -7.24
N PHE A 92 -7.57 16.20 -5.92
CA PHE A 92 -8.64 15.73 -5.06
C PHE A 92 -9.53 16.90 -4.62
N GLU A 93 -9.25 18.13 -5.05
CA GLU A 93 -9.97 19.28 -4.52
C GLU A 93 -10.81 19.96 -5.60
N ARG A 94 -11.81 20.72 -5.14
CA ARG A 94 -12.62 21.57 -6.00
C ARG A 94 -12.87 22.92 -5.33
N THR A 95 -13.13 23.93 -6.16
CA THR A 95 -13.32 25.27 -5.65
C THR A 95 -14.75 25.69 -5.88
N ILE A 96 -15.33 26.36 -4.88
CA ILE A 96 -16.73 26.77 -4.92
C ILE A 96 -16.77 28.25 -4.59
N THR A 97 -17.44 29.06 -5.42
CA THR A 97 -17.58 30.48 -5.19
C THR A 97 -18.98 30.81 -4.67
N MET A 98 -19.03 31.47 -3.51
CA MET A 98 -20.28 31.88 -2.89
C MET A 98 -20.26 33.40 -2.68
N HIS A 99 -21.46 34.00 -2.46
CA HIS A 99 -21.59 35.38 -2.01
C HIS A 99 -22.28 35.43 -0.63
N LYS A 100 -21.80 36.29 0.27
CA LYS A 100 -22.43 36.45 1.58
C LYS A 100 -23.83 37.04 1.43
N ASP A 101 -24.75 36.68 2.35
CA ASP A 101 -26.05 37.33 2.41
C ASP A 101 -25.92 38.64 3.20
N SER A 102 -27.06 39.24 3.55
CA SER A 102 -27.08 40.51 4.29
C SER A 102 -26.53 40.36 5.70
N THR A 103 -26.75 39.19 6.33
CA THR A 103 -26.24 38.89 7.66
C THR A 103 -24.74 38.50 7.62
N GLY A 104 -24.16 38.47 6.40
CA GLY A 104 -22.75 38.15 6.21
C GLY A 104 -22.46 36.65 6.25
N HIS A 105 -23.43 35.84 5.81
CA HIS A 105 -23.36 34.39 5.87
C HIS A 105 -23.37 33.81 4.46
N VAL A 106 -22.68 32.66 4.29
CA VAL A 106 -22.69 31.94 3.02
C VAL A 106 -23.59 30.71 3.11
N GLY A 107 -23.63 30.07 4.27
CA GLY A 107 -24.75 29.22 4.64
C GLY A 107 -24.33 27.79 4.94
N PHE A 108 -23.35 27.62 5.82
CA PHE A 108 -23.01 26.27 6.24
C PHE A 108 -22.53 26.26 7.69
N ILE A 109 -22.61 25.07 8.28
CA ILE A 109 -22.06 24.77 9.58
C ILE A 109 -20.89 23.85 9.33
N PHE A 110 -19.80 24.06 10.10
CA PHE A 110 -18.65 23.19 10.00
C PHE A 110 -18.10 22.86 11.38
N LYS A 111 -17.24 21.84 11.44
CA LYS A 111 -16.72 21.38 12.70
C LYS A 111 -15.44 20.59 12.45
N ASN A 112 -14.37 20.94 13.18
CA ASN A 112 -13.03 20.47 12.92
C ASN A 112 -12.69 20.65 11.45
N GLY A 113 -13.08 21.79 10.88
CA GLY A 113 -12.77 22.15 9.51
C GLY A 113 -13.64 21.43 8.47
N LYS A 114 -14.54 20.54 8.92
CA LYS A 114 -15.35 19.73 8.04
C LYS A 114 -16.77 20.26 7.96
N ILE A 115 -17.30 20.46 6.73
CA ILE A 115 -18.65 20.98 6.55
C ILE A 115 -19.62 19.86 6.91
N THR A 116 -20.58 20.18 7.79
CA THR A 116 -21.47 19.19 8.38
C THR A 116 -22.94 19.46 8.03
N SER A 117 -23.27 20.70 7.70
CA SER A 117 -24.63 21.04 7.34
C SER A 117 -24.63 22.23 6.37
N ILE A 118 -25.62 22.24 5.46
CA ILE A 118 -25.80 23.32 4.49
C ILE A 118 -27.17 23.97 4.77
N VAL A 119 -27.23 25.29 4.67
CA VAL A 119 -28.39 26.06 5.05
C VAL A 119 -29.30 26.28 3.85
N LYS A 120 -30.61 26.03 4.07
CA LYS A 120 -31.65 26.25 3.07
C LYS A 120 -31.62 27.67 2.53
N ASP A 121 -31.80 27.79 1.21
CA ASP A 121 -31.84 29.06 0.49
C ASP A 121 -30.55 29.87 0.67
N SER A 122 -29.45 29.25 1.09
CA SER A 122 -28.18 29.96 1.22
C SER A 122 -27.42 29.93 -0.11
N SER A 123 -26.31 30.71 -0.16
CA SER A 123 -25.43 30.71 -1.32
C SER A 123 -24.73 29.36 -1.44
N ALA A 124 -24.34 28.80 -0.30
CA ALA A 124 -23.81 27.46 -0.19
C ALA A 124 -24.71 26.46 -0.90
N ALA A 125 -26.02 26.57 -0.70
CA ALA A 125 -27.00 25.66 -1.29
C ALA A 125 -27.15 25.90 -2.79
N ARG A 126 -27.26 27.17 -3.21
CA ARG A 126 -27.39 27.53 -4.63
C ARG A 126 -26.19 27.06 -5.45
N ASN A 127 -25.00 27.01 -4.82
CA ASN A 127 -23.75 26.66 -5.48
C ASN A 127 -23.36 25.20 -5.23
N GLY A 128 -24.20 24.46 -4.51
CA GLY A 128 -24.03 23.03 -4.37
C GLY A 128 -22.83 22.62 -3.52
N LEU A 129 -22.60 23.38 -2.45
CA LEU A 129 -21.62 23.00 -1.46
C LEU A 129 -22.04 21.69 -0.82
N LEU A 130 -21.06 20.86 -0.42
CA LEU A 130 -21.33 19.52 0.06
C LEU A 130 -20.86 19.38 1.51
N THR A 131 -21.53 18.50 2.28
CA THR A 131 -21.07 18.14 3.61
C THR A 131 -20.04 17.04 3.47
N GLU A 132 -19.43 16.66 4.58
CA GLU A 132 -18.43 15.61 4.61
C GLU A 132 -17.25 15.99 3.70
N HIS A 133 -16.94 17.29 3.64
CA HIS A 133 -15.80 17.81 2.89
C HIS A 133 -15.01 18.74 3.82
N ASN A 134 -13.68 18.52 3.89
CA ASN A 134 -12.82 19.39 4.66
C ASN A 134 -12.49 20.64 3.86
N ILE A 135 -12.48 21.78 4.60
CA ILE A 135 -12.08 23.07 4.06
C ILE A 135 -10.56 23.12 4.01
N CYS A 136 -10.03 23.36 2.80
CA CYS A 136 -8.60 23.35 2.60
C CYS A 136 -8.07 24.79 2.47
N GLU A 137 -8.79 25.61 1.71
CA GLU A 137 -8.37 26.96 1.44
C GLU A 137 -9.60 27.85 1.43
N ILE A 138 -9.43 29.09 1.92
CA ILE A 138 -10.41 30.14 1.74
C ILE A 138 -9.73 31.26 0.96
N ASN A 139 -10.34 31.63 -0.18
CA ASN A 139 -9.77 32.62 -1.09
C ASN A 139 -8.27 32.39 -1.28
N GLY A 140 -7.86 31.13 -1.54
CA GLY A 140 -6.49 30.79 -1.85
C GLY A 140 -5.58 30.68 -0.63
N GLN A 141 -6.14 30.90 0.57
CA GLN A 141 -5.37 30.78 1.79
C GLN A 141 -5.63 29.42 2.46
N ASN A 142 -4.56 28.67 2.66
CA ASN A 142 -4.57 27.40 3.36
C ASN A 142 -4.99 27.62 4.81
N VAL A 143 -6.00 26.87 5.28
CA VAL A 143 -6.53 27.01 6.62
C VAL A 143 -6.48 25.68 7.36
N ILE A 144 -5.60 24.78 6.92
CA ILE A 144 -5.60 23.44 7.48
C ILE A 144 -4.81 23.45 8.77
N GLY A 145 -5.46 23.01 9.86
CA GLY A 145 -4.85 22.98 11.17
C GLY A 145 -5.27 24.16 12.06
N LEU A 146 -5.87 25.22 11.46
CA LEU A 146 -6.48 26.32 12.21
C LEU A 146 -7.72 25.85 12.97
N LYS A 147 -8.05 26.59 14.04
CA LYS A 147 -9.23 26.32 14.85
C LYS A 147 -10.45 26.85 14.13
N ASP A 148 -11.62 26.28 14.46
CA ASP A 148 -12.84 26.65 13.77
C ASP A 148 -13.10 28.15 13.96
N SER A 149 -12.60 28.69 15.09
CA SER A 149 -12.78 30.09 15.42
C SER A 149 -11.97 30.94 14.45
N GLN A 150 -10.72 30.55 14.19
CA GLN A 150 -9.86 31.22 13.22
C GLN A 150 -10.46 31.16 11.82
N ILE A 151 -10.94 29.96 11.43
CA ILE A 151 -11.52 29.79 10.10
C ILE A 151 -12.76 30.68 10.00
N ALA A 152 -13.59 30.69 11.06
CA ALA A 152 -14.77 31.54 11.10
C ALA A 152 -14.38 33.01 10.94
N ASP A 153 -13.29 33.42 11.58
CA ASP A 153 -12.85 34.81 11.53
C ASP A 153 -12.35 35.16 10.13
N ILE A 154 -11.59 34.25 9.49
CA ILE A 154 -11.13 34.43 8.12
C ILE A 154 -12.33 34.59 7.17
N LEU A 155 -13.40 33.82 7.44
CA LEU A 155 -14.59 33.96 6.61
C LEU A 155 -15.19 35.34 6.81
N SER A 156 -15.19 35.81 8.06
CA SER A 156 -15.74 37.12 8.39
C SER A 156 -14.94 38.21 7.68
N THR A 157 -13.60 38.14 7.71
CA THR A 157 -12.73 39.20 7.22
C THR A 157 -12.65 39.21 5.70
N SER A 158 -13.12 38.14 5.03
CA SER A 158 -13.28 38.17 3.59
C SER A 158 -14.40 39.14 3.20
N GLY A 159 -14.43 39.56 1.94
CA GLY A 159 -15.49 40.42 1.44
C GLY A 159 -16.72 39.60 1.09
N THR A 160 -17.57 40.17 0.21
CA THR A 160 -18.80 39.53 -0.19
C THR A 160 -18.50 38.14 -0.75
N VAL A 161 -17.62 38.12 -1.77
CA VAL A 161 -17.43 36.94 -2.60
C VAL A 161 -16.38 36.05 -1.94
N VAL A 162 -16.80 34.82 -1.59
CA VAL A 162 -15.97 33.88 -0.85
C VAL A 162 -15.75 32.63 -1.71
N THR A 163 -14.48 32.27 -1.89
CA THR A 163 -14.10 31.09 -2.63
C THR A 163 -13.53 30.09 -1.65
N ILE A 164 -14.12 28.90 -1.61
CA ILE A 164 -13.63 27.86 -0.73
C ILE A 164 -13.13 26.69 -1.58
N THR A 165 -11.96 26.16 -1.20
CA THR A 165 -11.45 24.93 -1.77
C THR A 165 -11.67 23.78 -0.79
N ILE A 166 -12.36 22.74 -1.25
CA ILE A 166 -12.76 21.61 -0.41
C ILE A 166 -12.18 20.30 -0.94
N MET A 167 -12.13 19.33 -0.04
CA MET A 167 -11.62 18.00 -0.32
C MET A 167 -12.53 17.02 0.41
N PRO A 168 -12.98 15.92 -0.25
CA PRO A 168 -13.78 14.91 0.43
C PRO A 168 -13.10 14.41 1.69
N ALA A 169 -13.86 14.29 2.78
CA ALA A 169 -13.27 14.09 4.09
C ALA A 169 -12.48 12.79 4.15
N PHE A 170 -12.94 11.72 3.47
N PHE A 170 -12.94 11.73 3.46
CA PHE A 170 -12.26 10.44 3.53
CA PHE A 170 -12.26 10.44 3.52
C PHE A 170 -10.86 10.55 2.91
C PHE A 170 -10.87 10.56 2.91
N ILE A 171 -10.74 11.43 1.89
CA ILE A 171 -9.46 11.59 1.22
C ILE A 171 -8.58 12.48 2.09
N PHE A 172 -9.18 13.56 2.59
CA PHE A 172 -8.49 14.47 3.49
C PHE A 172 -7.87 13.72 4.67
N GLU A 173 -8.67 12.88 5.34
CA GLU A 173 -8.21 12.14 6.51
C GLU A 173 -7.06 11.21 6.16
N HIS A 174 -7.08 10.67 4.94
CA HIS A 174 -6.03 9.76 4.50
C HIS A 174 -4.72 10.52 4.26
N ILE A 175 -4.82 11.75 3.73
CA ILE A 175 -3.64 12.51 3.37
C ILE A 175 -2.91 12.96 4.65
N ILE A 176 -3.65 13.39 5.66
CA ILE A 176 -3.07 14.22 6.71
C ILE A 176 -2.48 13.40 7.83
N LYS A 177 -3.12 12.28 8.18
CA LYS A 177 -2.77 11.56 9.41
C LYS A 177 -1.33 11.06 9.30
N ARG A 178 -0.69 10.87 10.46
CA ARG A 178 0.76 10.76 10.58
C ARG A 178 1.36 12.18 10.54
N MET A 179 0.62 13.15 11.06
CA MET A 179 1.08 14.51 11.31
C MET A 179 0.16 15.13 12.37
N ALA A 180 0.79 15.70 13.40
CA ALA A 180 0.13 16.11 14.63
C ALA A 180 -0.64 17.41 14.44
N PRO A 181 -1.91 17.51 14.90
CA PRO A 181 -2.70 18.74 14.81
C PRO A 181 -1.97 20.06 15.06
N SER A 182 -0.97 20.06 15.96
CA SER A 182 -0.26 21.27 16.37
C SER A 182 0.77 21.70 15.33
N ILE A 183 1.32 20.72 14.59
CA ILE A 183 2.19 20.97 13.44
C ILE A 183 1.36 21.67 12.36
N MET A 184 0.21 21.08 12.02
CA MET A 184 -0.66 21.64 11.01
C MET A 184 -1.02 23.08 11.38
N LYS A 185 -1.39 23.33 12.64
CA LYS A 185 -1.81 24.68 13.01
C LYS A 185 -0.62 25.64 13.09
N SER A 186 0.58 25.11 13.33
CA SER A 186 1.74 25.98 13.51
C SER A 186 2.54 26.13 12.22
N LEU A 187 2.76 25.01 11.52
CA LEU A 187 3.89 24.87 10.59
C LEU A 187 3.39 24.73 9.16
N MET A 188 2.19 24.14 8.95
CA MET A 188 1.51 24.24 7.68
C MET A 188 1.36 25.72 7.31
N ASP A 189 1.74 26.03 6.06
CA ASP A 189 1.79 27.37 5.50
C ASP A 189 0.34 27.90 5.45
N HIS A 190 0.14 29.10 6.02
CA HIS A 190 -1.17 29.74 6.08
C HIS A 190 -1.13 31.14 5.51
N THR A 191 -0.02 31.47 4.83
CA THR A 191 0.20 32.82 4.31
C THR A 191 -0.75 33.02 3.15
N ILE A 192 -1.19 34.26 2.99
CA ILE A 192 -1.67 34.77 1.72
C ILE A 192 -0.47 34.69 0.78
N PRO A 193 -0.61 34.18 -0.46
CA PRO A 193 0.52 34.13 -1.39
C PRO A 193 0.98 35.54 -1.77
N GLU A 194 2.30 35.66 -1.78
CA GLU A 194 3.02 36.86 -2.18
C GLU A 194 2.93 37.02 -3.70
N VAL A 195 3.23 38.23 -4.21
CA VAL A 195 3.52 38.46 -5.61
C VAL A 195 4.74 39.38 -5.73
N ALA B 3 32.28 1.29 19.17
CA ALA B 3 31.87 1.19 20.59
C ALA B 3 32.35 2.40 21.40
N GLU B 4 33.50 2.99 21.02
CA GLU B 4 34.23 3.98 21.81
C GLU B 4 33.46 5.31 21.93
N ILE B 5 33.50 5.89 23.15
CA ILE B 5 32.73 7.07 23.55
C ILE B 5 33.44 8.33 23.01
N LYS B 6 32.73 9.11 22.18
CA LYS B 6 33.29 10.28 21.51
C LYS B 6 33.20 11.51 22.41
N GLN B 7 34.37 12.13 22.66
CA GLN B 7 34.44 13.36 23.45
C GLN B 7 33.75 14.49 22.67
N GLY B 8 33.10 15.38 23.41
CA GLY B 8 32.40 16.51 22.84
C GLY B 8 31.16 16.11 22.04
N ILE B 9 30.84 17.03 21.12
CA ILE B 9 29.49 17.26 20.65
C ILE B 9 29.41 17.00 19.14
N ARG B 10 28.34 16.37 18.68
CA ARG B 10 28.12 16.24 17.25
C ARG B 10 26.68 16.64 16.92
N GLU B 11 26.41 16.81 15.62
CA GLU B 11 25.11 17.19 15.13
C GLU B 11 24.57 16.03 14.30
N VAL B 12 23.31 15.66 14.54
CA VAL B 12 22.62 14.64 13.78
C VAL B 12 21.36 15.27 13.19
N ILE B 13 20.96 14.74 12.04
CA ILE B 13 19.86 15.28 11.25
C ILE B 13 18.85 14.14 11.08
N LEU B 14 17.61 14.38 11.53
CA LEU B 14 16.57 13.38 11.50
C LEU B 14 15.44 13.81 10.58
N CYS B 15 14.74 12.79 10.10
CA CYS B 15 13.55 12.87 9.29
C CYS B 15 12.45 12.13 10.07
N LYS B 16 11.30 12.76 10.35
CA LYS B 16 10.17 11.97 10.81
C LYS B 16 9.77 11.00 9.70
N ASP B 17 9.42 9.77 10.08
CA ASP B 17 9.00 8.76 9.13
C ASP B 17 7.59 9.10 8.67
N GLN B 18 6.96 8.19 7.91
CA GLN B 18 5.66 8.45 7.31
C GLN B 18 4.59 8.60 8.39
N ASP B 19 4.76 7.91 9.53
CA ASP B 19 3.83 7.99 10.66
C ASP B 19 4.06 9.22 11.54
N GLY B 20 5.07 10.03 11.24
CA GLY B 20 5.42 11.19 12.04
C GLY B 20 6.24 10.85 13.29
N LYS B 21 6.90 9.68 13.31
CA LYS B 21 7.72 9.24 14.42
C LYS B 21 9.20 9.42 14.11
N ILE B 22 10.01 9.40 15.17
CA ILE B 22 11.45 9.39 15.07
C ILE B 22 11.99 8.09 15.66
N GLY B 23 11.21 7.47 16.55
CA GLY B 23 11.63 6.27 17.25
C GLY B 23 12.55 6.57 18.43
N LEU B 24 12.20 7.60 19.23
CA LEU B 24 12.98 8.06 20.37
C LEU B 24 12.10 8.16 21.59
N ARG B 25 12.65 7.87 22.77
CA ARG B 25 12.06 8.43 23.98
C ARG B 25 13.15 9.12 24.80
N LEU B 26 12.79 10.25 25.40
CA LEU B 26 13.70 11.16 26.08
C LEU B 26 13.35 11.26 27.55
N LYS B 27 14.35 11.51 28.40
CA LYS B 27 14.19 11.50 29.86
C LYS B 27 15.03 12.62 30.50
N SER B 28 14.41 13.30 31.48
CA SER B 28 15.04 14.39 32.22
C SER B 28 15.94 13.79 33.29
N ILE B 29 17.22 14.17 33.25
CA ILE B 29 18.21 13.71 34.23
C ILE B 29 19.16 14.88 34.54
N ASP B 30 19.15 15.31 35.81
CA ASP B 30 20.09 16.31 36.29
C ASP B 30 20.07 17.54 35.40
N ASN B 31 18.85 17.97 35.00
CA ASN B 31 18.59 19.14 34.17
C ASN B 31 19.13 19.04 32.76
N GLY B 32 19.38 17.79 32.33
CA GLY B 32 19.58 17.58 30.90
C GLY B 32 18.50 16.66 30.38
N ILE B 33 18.61 16.36 29.08
CA ILE B 33 17.75 15.41 28.39
C ILE B 33 18.61 14.29 27.80
N PHE B 34 18.20 13.05 28.05
CA PHE B 34 18.95 11.86 27.69
C PHE B 34 18.02 10.84 27.02
N VAL B 35 18.61 10.06 26.11
CA VAL B 35 17.88 9.08 25.33
C VAL B 35 17.64 7.84 26.19
N GLN B 36 16.34 7.56 26.42
CA GLN B 36 15.86 6.45 27.23
C GLN B 36 15.54 5.25 26.33
N LEU B 37 15.16 5.48 25.07
CA LEU B 37 14.89 4.37 24.12
C LEU B 37 15.16 4.82 22.69
N VAL B 38 15.84 3.97 21.93
CA VAL B 38 15.88 4.08 20.48
C VAL B 38 15.13 2.87 19.89
N GLN B 39 14.22 3.08 18.94
CA GLN B 39 13.45 2.01 18.32
C GLN B 39 14.22 1.43 17.14
N ALA B 40 14.20 0.09 17.00
CA ALA B 40 14.80 -0.55 15.84
C ALA B 40 14.10 -0.06 14.57
N ASN B 41 14.85 0.03 13.47
CA ASN B 41 14.30 0.38 12.17
C ASN B 41 13.72 1.80 12.18
N SER B 42 14.16 2.65 13.11
CA SER B 42 13.60 3.99 13.22
C SER B 42 14.55 4.98 12.56
N PRO B 43 14.08 6.21 12.23
CA PRO B 43 14.98 7.28 11.81
C PRO B 43 16.11 7.56 12.80
N ALA B 44 15.78 7.42 14.10
CA ALA B 44 16.75 7.67 15.14
C ALA B 44 17.87 6.63 15.09
N SER B 45 17.50 5.35 14.95
CA SER B 45 18.48 4.28 14.90
C SER B 45 19.37 4.47 13.66
N LEU B 46 18.71 4.74 12.53
CA LEU B 46 19.41 4.85 11.26
C LEU B 46 20.43 5.99 11.27
N VAL B 47 20.18 7.08 12.01
CA VAL B 47 21.14 8.17 12.02
C VAL B 47 22.17 7.98 13.12
N GLY B 48 22.02 6.98 13.99
CA GLY B 48 23.11 6.63 14.93
C GLY B 48 22.90 7.13 16.36
N LEU B 49 21.64 7.46 16.72
CA LEU B 49 21.35 7.81 18.10
C LEU B 49 21.40 6.54 18.94
N ARG B 50 21.89 6.71 20.18
CA ARG B 50 22.11 5.61 21.11
C ARG B 50 21.55 5.93 22.50
N PHE B 51 21.10 4.86 23.17
CA PHE B 51 20.71 4.92 24.56
C PHE B 51 21.78 5.65 25.37
N GLY B 52 21.35 6.59 26.23
CA GLY B 52 22.26 7.27 27.14
C GLY B 52 22.89 8.54 26.54
N ASP B 53 22.64 8.77 25.24
CA ASP B 53 23.09 9.99 24.56
C ASP B 53 22.37 11.19 25.19
N GLN B 54 23.10 12.30 25.29
CA GLN B 54 22.55 13.55 25.79
C GLN B 54 22.16 14.43 24.62
N VAL B 55 20.91 14.94 24.63
CA VAL B 55 20.45 15.90 23.65
C VAL B 55 20.63 17.30 24.24
N LEU B 56 21.56 18.06 23.66
CA LEU B 56 21.87 19.42 24.11
C LEU B 56 20.88 20.40 23.50
N GLN B 57 20.72 20.35 22.19
CA GLN B 57 19.80 21.18 21.44
C GLN B 57 18.86 20.32 20.60
N ILE B 58 17.65 20.85 20.33
CA ILE B 58 16.76 20.41 19.27
C ILE B 58 16.35 21.62 18.43
N ASN B 59 16.66 21.53 17.13
CA ASN B 59 16.42 22.59 16.18
C ASN B 59 17.06 23.90 16.68
N GLY B 60 18.21 23.78 17.35
CA GLY B 60 18.96 24.95 17.78
C GLY B 60 18.56 25.47 19.15
N GLU B 61 17.53 24.87 19.76
CA GLU B 61 17.03 25.30 21.06
C GLU B 61 17.59 24.41 22.16
N ASN B 62 18.04 25.02 23.26
CA ASN B 62 18.69 24.31 24.36
C ASN B 62 17.68 23.48 25.15
N CYS B 63 18.05 22.25 25.49
CA CYS B 63 17.17 21.32 26.19
C CYS B 63 17.28 21.44 27.70
N ALA B 64 18.28 22.20 28.16
CA ALA B 64 18.55 22.42 29.57
C ALA B 64 17.28 22.77 30.32
N GLY B 65 16.97 21.97 31.35
CA GLY B 65 15.85 22.26 32.21
C GLY B 65 14.56 21.57 31.79
N TRP B 66 14.45 21.18 30.52
CA TRP B 66 13.18 20.63 30.03
C TRP B 66 12.81 19.39 30.80
N SER B 67 11.52 19.25 31.08
CA SER B 67 10.98 17.97 31.49
C SER B 67 10.94 17.04 30.28
N SER B 68 10.69 15.77 30.54
CA SER B 68 10.47 14.75 29.52
C SER B 68 9.29 15.13 28.64
N ASP B 69 8.18 15.58 29.29
CA ASP B 69 6.96 15.95 28.59
C ASP B 69 7.24 17.07 27.62
N LYS B 70 8.05 18.04 28.05
CA LYS B 70 8.33 19.17 27.18
C LYS B 70 9.17 18.76 25.97
N ALA B 71 10.09 17.82 26.14
CA ALA B 71 10.97 17.46 25.04
C ALA B 71 10.18 16.68 23.96
N HIS B 72 9.37 15.73 24.41
CA HIS B 72 8.45 14.97 23.58
C HIS B 72 7.50 15.88 22.81
N LYS B 73 6.97 16.91 23.48
CA LYS B 73 6.07 17.84 22.85
C LYS B 73 6.80 18.60 21.74
N VAL B 74 8.02 19.08 22.01
CA VAL B 74 8.77 19.81 20.99
C VAL B 74 8.99 18.95 19.74
N LEU B 75 9.25 17.65 19.93
CA LEU B 75 9.47 16.72 18.83
C LEU B 75 8.15 16.44 18.09
N LYS B 76 7.08 16.28 18.86
CA LYS B 76 5.76 16.06 18.30
C LYS B 76 5.36 17.26 17.44
N GLN B 77 5.83 18.46 17.79
CA GLN B 77 5.48 19.69 17.08
C GLN B 77 6.43 20.05 15.95
N ALA B 78 7.54 19.32 15.79
CA ALA B 78 8.57 19.76 14.84
C ALA B 78 8.26 19.31 13.42
N PHE B 79 8.46 20.20 12.44
CA PHE B 79 8.28 19.86 11.04
C PHE B 79 9.22 18.69 10.70
N GLY B 80 8.64 17.62 10.19
CA GLY B 80 9.31 16.35 10.07
C GLY B 80 10.44 16.33 9.04
N GLU B 81 10.58 17.36 8.21
CA GLU B 81 11.54 17.30 7.10
C GLU B 81 12.99 17.18 7.60
N LYS B 82 13.38 18.08 8.49
CA LYS B 82 14.75 18.13 8.96
C LYS B 82 14.74 18.64 10.39
N ILE B 83 15.00 17.71 11.32
CA ILE B 83 15.18 18.02 12.73
C ILE B 83 16.68 17.88 13.03
N THR B 84 17.30 18.96 13.51
CA THR B 84 18.68 18.88 13.96
C THR B 84 18.70 18.67 15.47
N MET B 85 19.55 17.73 15.89
CA MET B 85 19.83 17.55 17.29
C MET B 85 21.34 17.64 17.49
N THR B 86 21.70 18.32 18.57
CA THR B 86 23.08 18.36 19.00
C THR B 86 23.22 17.39 20.17
N ILE B 87 24.23 16.52 20.06
CA ILE B 87 24.38 15.32 20.86
C ILE B 87 25.75 15.34 21.51
N ARG B 88 25.79 15.05 22.81
CA ARG B 88 27.00 14.60 23.49
C ARG B 88 26.90 13.10 23.66
N ASP B 89 27.97 12.38 23.28
CA ASP B 89 27.94 10.92 23.13
C ASP B 89 27.96 10.24 24.51
N ARG B 90 26.91 9.44 24.75
CA ARG B 90 26.78 8.58 25.93
C ARG B 90 27.61 9.02 27.12
N PRO B 91 27.36 10.21 27.72
CA PRO B 91 28.22 10.76 28.78
C PRO B 91 28.26 10.02 30.10
N PHE B 92 27.19 9.28 30.44
CA PHE B 92 27.17 8.52 31.68
C PHE B 92 27.87 7.17 31.51
N GLU B 93 28.33 6.84 30.30
CA GLU B 93 28.88 5.52 30.02
C GLU B 93 30.39 5.56 29.74
N ARG B 94 31.00 4.37 29.82
CA ARG B 94 32.40 4.12 29.44
C ARG B 94 32.51 2.77 28.75
N THR B 95 33.50 2.63 27.89
CA THR B 95 33.74 1.35 27.23
C THR B 95 35.03 0.74 27.77
N ILE B 96 34.98 -0.59 27.99
CA ILE B 96 36.09 -1.33 28.57
C ILE B 96 36.38 -2.49 27.62
N THR B 97 37.66 -2.62 27.21
CA THR B 97 38.06 -3.63 26.24
C THR B 97 38.79 -4.78 26.95
N MET B 98 38.28 -5.99 26.72
CA MET B 98 38.80 -7.19 27.35
C MET B 98 39.10 -8.22 26.26
N HIS B 99 39.94 -9.22 26.61
CA HIS B 99 40.25 -10.34 25.72
C HIS B 99 39.87 -11.64 26.42
N LYS B 100 39.18 -12.53 25.70
CA LYS B 100 38.77 -13.81 26.26
C LYS B 100 40.00 -14.67 26.55
N ASP B 101 39.91 -15.50 27.60
CA ASP B 101 40.96 -16.46 27.89
C ASP B 101 40.74 -17.69 27.03
N SER B 102 41.45 -18.77 27.34
CA SER B 102 41.37 -20.02 26.59
C SER B 102 40.00 -20.67 26.74
N THR B 103 39.38 -20.54 27.92
CA THR B 103 38.06 -21.08 28.20
C THR B 103 36.96 -20.19 27.58
N GLY B 104 37.35 -19.06 26.96
CA GLY B 104 36.42 -18.16 26.29
C GLY B 104 35.74 -17.21 27.27
N HIS B 105 36.45 -16.84 28.36
CA HIS B 105 35.90 -16.03 29.44
C HIS B 105 36.68 -14.71 29.55
N VAL B 106 36.01 -13.66 30.04
CA VAL B 106 36.63 -12.36 30.26
C VAL B 106 36.77 -12.09 31.75
N GLY B 107 35.82 -12.63 32.55
CA GLY B 107 36.04 -12.78 33.97
C GLY B 107 35.10 -11.95 34.84
N PHE B 108 33.78 -12.06 34.59
CA PHE B 108 32.85 -11.41 35.51
C PHE B 108 31.55 -12.21 35.62
N ILE B 109 30.88 -11.96 36.74
CA ILE B 109 29.55 -12.46 36.98
C ILE B 109 28.62 -11.27 36.87
N PHE B 110 27.45 -11.48 36.26
CA PHE B 110 26.45 -10.43 36.17
C PHE B 110 25.07 -11.00 36.44
N LYS B 111 24.09 -10.09 36.67
CA LYS B 111 22.75 -10.52 36.98
C LYS B 111 21.79 -9.35 36.72
N ASN B 112 20.71 -9.63 36.00
CA ASN B 112 19.80 -8.61 35.47
C ASN B 112 20.61 -7.53 34.75
N GLY B 113 21.64 -7.97 34.00
CA GLY B 113 22.48 -7.08 33.21
C GLY B 113 23.45 -6.24 34.04
N LYS B 114 23.48 -6.42 35.37
CA LYS B 114 24.35 -5.68 36.26
C LYS B 114 25.54 -6.51 36.70
N ILE B 115 26.76 -5.97 36.58
CA ILE B 115 27.98 -6.70 36.95
C ILE B 115 28.06 -6.72 38.47
N THR B 116 28.22 -7.94 39.03
CA THR B 116 28.14 -8.15 40.47
C THR B 116 29.46 -8.65 41.05
N SER B 117 30.30 -9.29 40.24
CA SER B 117 31.57 -9.79 40.71
C SER B 117 32.56 -9.80 39.55
N ILE B 118 33.83 -9.57 39.90
CA ILE B 118 34.96 -9.59 38.97
C ILE B 118 35.87 -10.73 39.40
N VAL B 119 36.35 -11.49 38.42
CA VAL B 119 37.17 -12.67 38.68
C VAL B 119 38.65 -12.28 38.76
N LYS B 120 39.32 -12.79 39.81
CA LYS B 120 40.73 -12.65 40.06
C LYS B 120 41.55 -13.09 38.84
N ASP B 121 42.57 -12.30 38.50
CA ASP B 121 43.49 -12.57 37.39
C ASP B 121 42.78 -12.68 36.04
N SER B 122 41.55 -12.18 35.93
CA SER B 122 40.86 -12.15 34.65
C SER B 122 41.21 -10.89 33.85
N SER B 123 40.75 -10.85 32.60
CA SER B 123 40.92 -9.68 31.74
C SER B 123 40.09 -8.52 32.30
N ALA B 124 38.88 -8.86 32.80
CA ALA B 124 38.01 -7.92 33.50
C ALA B 124 38.77 -7.21 34.61
N ALA B 125 39.56 -7.95 35.38
CA ALA B 125 40.31 -7.43 36.50
C ALA B 125 41.48 -6.57 36.04
N ARG B 126 42.23 -7.05 35.04
CA ARG B 126 43.37 -6.32 34.48
C ARG B 126 42.94 -4.94 33.95
N ASN B 127 41.71 -4.87 33.41
CA ASN B 127 41.18 -3.68 32.75
C ASN B 127 40.28 -2.86 33.68
N GLY B 128 40.14 -3.30 34.94
CA GLY B 128 39.48 -2.52 35.97
C GLY B 128 37.97 -2.37 35.76
N LEU B 129 37.35 -3.47 35.31
CA LEU B 129 35.90 -3.54 35.20
C LEU B 129 35.29 -3.35 36.58
N LEU B 130 34.11 -2.72 36.65
CA LEU B 130 33.52 -2.36 37.93
C LEU B 130 32.21 -3.11 38.17
N THR B 131 31.92 -3.40 39.43
CA THR B 131 30.63 -3.96 39.80
C THR B 131 29.64 -2.81 39.95
N GLU B 132 28.37 -3.14 40.15
CA GLU B 132 27.31 -2.15 40.30
C GLU B 132 27.26 -1.22 39.07
N HIS B 133 27.50 -1.80 37.89
CA HIS B 133 27.40 -1.13 36.62
C HIS B 133 26.54 -1.99 35.69
N ASN B 134 25.52 -1.38 35.06
CA ASN B 134 24.68 -2.02 34.06
C ASN B 134 25.42 -2.07 32.73
N ILE B 135 25.29 -3.23 32.07
CA ILE B 135 25.80 -3.47 30.74
C ILE B 135 24.83 -2.86 29.75
N CYS B 136 25.34 -1.94 28.92
CA CYS B 136 24.51 -1.21 27.99
C CYS B 136 24.73 -1.76 26.58
N GLU B 137 25.99 -2.05 26.24
CA GLU B 137 26.34 -2.46 24.90
C GLU B 137 27.46 -3.50 24.98
N ILE B 138 27.41 -4.49 24.09
CA ILE B 138 28.57 -5.35 23.84
C ILE B 138 29.01 -5.16 22.40
N ASN B 139 30.29 -4.83 22.22
CA ASN B 139 30.87 -4.49 20.93
C ASN B 139 29.96 -3.53 20.16
N GLY B 140 29.49 -2.47 20.84
CA GLY B 140 28.68 -1.45 20.20
C GLY B 140 27.20 -1.82 20.04
N GLN B 141 26.83 -3.05 20.45
CA GLN B 141 25.47 -3.53 20.28
C GLN B 141 24.69 -3.40 21.60
N ASN B 142 23.59 -2.65 21.53
CA ASN B 142 22.70 -2.41 22.66
C ASN B 142 22.09 -3.74 23.11
N VAL B 143 22.19 -4.04 24.42
CA VAL B 143 21.67 -5.28 24.98
C VAL B 143 20.67 -4.97 26.11
N ILE B 144 20.08 -3.77 26.10
CA ILE B 144 19.24 -3.38 27.22
C ILE B 144 17.84 -3.94 27.04
N GLY B 145 17.38 -4.69 28.05
CA GLY B 145 16.09 -5.38 28.00
C GLY B 145 16.19 -6.86 27.59
N LEU B 146 17.36 -7.29 27.07
CA LEU B 146 17.67 -8.69 26.83
C LEU B 146 17.86 -9.44 28.15
N LYS B 147 17.63 -10.76 28.08
CA LYS B 147 17.81 -11.66 29.22
C LYS B 147 19.28 -11.96 29.39
N ASP B 148 19.66 -12.36 30.60
CA ASP B 148 21.07 -12.64 30.91
C ASP B 148 21.57 -13.75 29.98
N SER B 149 20.67 -14.62 29.55
CA SER B 149 21.01 -15.72 28.66
C SER B 149 21.40 -15.18 27.28
N GLN B 150 20.61 -14.22 26.79
CA GLN B 150 20.87 -13.54 25.52
C GLN B 150 22.21 -12.78 25.59
N ILE B 151 22.42 -12.06 26.70
CA ILE B 151 23.65 -11.29 26.88
C ILE B 151 24.83 -12.27 26.90
N ALA B 152 24.67 -13.37 27.66
CA ALA B 152 25.70 -14.41 27.73
C ALA B 152 26.00 -14.96 26.33
N ASP B 153 24.96 -15.14 25.49
CA ASP B 153 25.15 -15.72 24.17
C ASP B 153 25.89 -14.76 23.26
N ILE B 154 25.53 -13.47 23.34
CA ILE B 154 26.20 -12.43 22.57
C ILE B 154 27.68 -12.38 22.96
N LEU B 155 27.97 -12.58 24.25
CA LEU B 155 29.36 -12.59 24.70
C LEU B 155 30.07 -13.79 24.07
N SER B 156 29.37 -14.93 24.02
CA SER B 156 29.96 -16.15 23.49
C SER B 156 30.28 -15.96 22.02
N THR B 157 29.33 -15.40 21.24
CA THR B 157 29.45 -15.33 19.78
C THR B 157 30.41 -14.24 19.34
N SER B 158 30.81 -13.35 20.25
CA SER B 158 31.88 -12.39 19.97
C SER B 158 33.20 -13.14 19.83
N GLY B 159 34.20 -12.47 19.22
CA GLY B 159 35.53 -13.03 19.09
C GLY B 159 36.33 -12.87 20.38
N THR B 160 37.65 -12.98 20.26
CA THR B 160 38.57 -12.79 21.37
C THR B 160 38.27 -11.47 22.06
N VAL B 161 38.32 -10.40 21.29
CA VAL B 161 38.40 -9.05 21.83
C VAL B 161 36.97 -8.55 22.04
N VAL B 162 36.63 -8.24 23.30
CA VAL B 162 35.27 -7.88 23.70
C VAL B 162 35.30 -6.46 24.28
N THR B 163 34.44 -5.60 23.75
CA THR B 163 34.25 -4.27 24.30
C THR B 163 32.87 -4.24 24.96
N ILE B 164 32.84 -3.86 26.24
CA ILE B 164 31.58 -3.68 26.93
C ILE B 164 31.43 -2.19 27.28
N THR B 165 30.22 -1.66 27.05
CA THR B 165 29.88 -0.32 27.51
C THR B 165 29.00 -0.43 28.75
N ILE B 166 29.43 0.21 29.83
CA ILE B 166 28.80 0.14 31.13
C ILE B 166 28.33 1.54 31.57
N MET B 167 27.35 1.53 32.48
CA MET B 167 26.78 2.72 33.09
C MET B 167 26.58 2.42 34.57
N PRO B 168 26.94 3.33 35.50
CA PRO B 168 26.67 3.11 36.92
C PRO B 168 25.20 2.80 37.16
N ALA B 169 24.97 1.80 38.04
CA ALA B 169 23.64 1.22 38.14
C ALA B 169 22.60 2.26 38.57
N PHE B 170 23.00 3.17 39.46
N PHE B 170 22.99 3.17 39.46
CA PHE B 170 22.07 4.15 40.00
CA PHE B 170 22.06 4.16 40.02
C PHE B 170 21.61 5.09 38.91
C PHE B 170 21.61 5.09 38.91
N ILE B 171 22.48 5.35 37.92
CA ILE B 171 22.15 6.25 36.84
C ILE B 171 21.27 5.49 35.84
N PHE B 172 21.67 4.26 35.55
CA PHE B 172 20.88 3.41 34.67
C PHE B 172 19.41 3.30 35.16
N GLU B 173 19.23 2.98 36.45
CA GLU B 173 17.91 2.80 37.02
C GLU B 173 17.09 4.09 36.91
N HIS B 174 17.76 5.24 37.00
CA HIS B 174 17.07 6.52 36.91
C HIS B 174 16.61 6.81 35.48
N ILE B 175 17.43 6.42 34.50
CA ILE B 175 17.17 6.75 33.11
C ILE B 175 15.98 5.91 32.61
N ILE B 176 15.85 4.67 33.06
CA ILE B 176 14.82 3.78 32.57
C ILE B 176 13.48 4.00 33.31
N LYS B 177 13.45 4.85 34.35
CA LYS B 177 12.19 5.24 34.99
C LYS B 177 11.30 5.97 34.00
N ARG B 178 9.98 5.87 34.19
CA ARG B 178 8.96 6.49 33.35
C ARG B 178 8.84 5.72 32.03
N MET B 179 9.14 4.40 32.05
CA MET B 179 9.07 3.57 30.86
C MET B 179 8.83 2.15 31.34
N ALA B 180 7.81 1.48 30.75
CA ALA B 180 7.36 0.17 31.20
C ALA B 180 8.30 -0.92 30.72
N PRO B 181 8.76 -1.83 31.60
CA PRO B 181 9.76 -2.84 31.22
C PRO B 181 9.47 -3.60 29.93
N SER B 182 8.19 -3.75 29.55
CA SER B 182 7.77 -4.50 28.38
C SER B 182 8.02 -3.70 27.10
N ILE B 183 7.92 -2.36 27.18
CA ILE B 183 8.29 -1.46 26.08
C ILE B 183 9.80 -1.57 25.82
N MET B 184 10.57 -1.43 26.90
CA MET B 184 12.02 -1.46 26.81
C MET B 184 12.45 -2.77 26.17
N LYS B 185 11.85 -3.88 26.63
CA LYS B 185 12.25 -5.21 26.19
C LYS B 185 11.74 -5.49 24.79
N SER B 186 10.66 -4.84 24.38
CA SER B 186 10.07 -5.12 23.08
C SER B 186 10.53 -4.13 22.02
N LEU B 187 10.84 -2.86 22.36
CA LEU B 187 11.09 -1.84 21.35
C LEU B 187 12.58 -1.47 21.21
N MET B 188 13.42 -1.80 22.20
CA MET B 188 14.76 -1.26 22.24
C MET B 188 15.58 -1.83 21.08
N ASP B 189 16.26 -0.93 20.36
CA ASP B 189 17.12 -1.23 19.22
C ASP B 189 18.30 -2.10 19.67
N HIS B 190 18.51 -3.25 19.01
CA HIS B 190 19.58 -4.17 19.35
C HIS B 190 20.45 -4.49 18.13
N THR B 191 20.32 -3.66 17.08
CA THR B 191 20.95 -3.93 15.79
C THR B 191 22.46 -3.80 15.93
N ILE B 192 23.14 -4.68 15.20
CA ILE B 192 24.58 -4.75 15.23
C ILE B 192 25.07 -3.57 14.42
N PRO B 193 26.05 -2.77 14.94
CA PRO B 193 26.56 -1.62 14.21
C PRO B 193 27.24 -2.06 12.91
N GLU B 194 26.89 -1.29 11.87
CA GLU B 194 27.38 -1.49 10.53
C GLU B 194 28.38 -0.40 10.18
N VAL B 195 28.98 -0.58 9.01
CA VAL B 195 29.89 0.42 8.49
C VAL B 195 29.33 0.90 7.15
N ALA C 3 -15.04 14.37 -23.34
CA ALA C 3 -14.39 13.79 -22.15
C ALA C 3 -14.09 14.84 -21.07
N GLU C 4 -13.56 16.03 -21.45
CA GLU C 4 -12.99 16.98 -20.49
C GLU C 4 -14.08 17.67 -19.66
N ILE C 5 -13.78 17.86 -18.37
CA ILE C 5 -14.73 18.26 -17.33
C ILE C 5 -14.86 19.79 -17.37
N LYS C 6 -16.11 20.28 -17.57
CA LYS C 6 -16.41 21.70 -17.73
C LYS C 6 -16.58 22.37 -16.37
N GLN C 7 -15.78 23.43 -16.13
CA GLN C 7 -15.78 24.14 -14.87
C GLN C 7 -17.11 24.91 -14.74
N GLY C 8 -17.62 24.98 -13.51
CA GLY C 8 -18.87 25.66 -13.24
C GLY C 8 -20.10 24.95 -13.85
N ILE C 9 -21.09 25.81 -14.10
CA ILE C 9 -22.49 25.46 -14.05
C ILE C 9 -23.11 25.73 -15.41
N ARG C 10 -23.98 24.82 -15.87
CA ARG C 10 -24.76 25.11 -17.07
C ARG C 10 -26.24 24.79 -16.79
N GLU C 11 -27.10 25.22 -17.72
CA GLU C 11 -28.53 24.99 -17.62
C GLU C 11 -28.94 24.08 -18.78
N VAL C 12 -29.75 23.05 -18.47
CA VAL C 12 -30.33 22.20 -19.50
C VAL C 12 -31.86 22.27 -19.37
N ILE C 13 -32.54 22.14 -20.51
CA ILE C 13 -33.98 22.23 -20.60
C ILE C 13 -34.48 20.93 -21.24
N LEU C 14 -35.38 20.22 -20.55
CA LEU C 14 -35.85 18.91 -20.97
C LEU C 14 -37.35 18.93 -21.25
N CYS C 15 -37.78 17.98 -22.09
CA CYS C 15 -39.17 17.61 -22.28
C CYS C 15 -39.34 16.13 -21.98
N LYS C 16 -40.34 15.78 -21.16
CA LYS C 16 -40.69 14.39 -20.93
C LYS C 16 -41.05 13.73 -22.26
N ASP C 17 -40.63 12.48 -22.44
CA ASP C 17 -40.93 11.73 -23.66
C ASP C 17 -42.39 11.30 -23.64
N GLN C 18 -42.76 10.43 -24.60
CA GLN C 18 -44.13 9.99 -24.79
C GLN C 18 -44.64 9.24 -23.56
N ASP C 19 -43.75 8.50 -22.88
CA ASP C 19 -44.11 7.73 -21.69
C ASP C 19 -44.10 8.59 -20.42
N GLY C 20 -43.77 9.89 -20.52
CA GLY C 20 -43.69 10.77 -19.36
C GLY C 20 -42.39 10.63 -18.56
N LYS C 21 -41.33 10.09 -19.19
CA LYS C 21 -40.04 9.86 -18.58
C LYS C 21 -39.03 10.91 -19.05
N ILE C 22 -37.92 11.05 -18.29
CA ILE C 22 -36.75 11.79 -18.76
C ILE C 22 -35.56 10.85 -18.91
N GLY C 23 -35.60 9.69 -18.27
CA GLY C 23 -34.55 8.70 -18.38
C GLY C 23 -33.39 8.98 -17.42
N LEU C 24 -33.74 9.34 -16.15
CA LEU C 24 -32.77 9.63 -15.10
C LEU C 24 -33.03 8.77 -13.86
N ARG C 25 -31.97 8.40 -13.13
CA ARG C 25 -32.10 8.20 -11.70
C ARG C 25 -31.10 9.11 -10.96
N LEU C 26 -31.51 9.60 -9.80
CA LEU C 26 -30.78 10.58 -9.01
C LEU C 26 -30.43 9.96 -7.66
N LYS C 27 -29.39 10.51 -6.99
CA LYS C 27 -28.85 9.93 -5.76
C LYS C 27 -28.35 11.05 -4.83
N SER C 28 -28.68 10.92 -3.53
CA SER C 28 -28.24 11.86 -2.51
C SER C 28 -26.80 11.52 -2.14
N ILE C 29 -25.91 12.52 -2.28
CA ILE C 29 -24.52 12.38 -1.88
C ILE C 29 -24.06 13.68 -1.22
N ASP C 30 -23.67 13.60 0.05
CA ASP C 30 -23.05 14.72 0.76
C ASP C 30 -23.94 15.96 0.68
N ASN C 31 -25.26 15.77 0.82
CA ASN C 31 -26.29 16.82 0.78
C ASN C 31 -26.42 17.47 -0.59
N GLY C 32 -25.92 16.80 -1.62
CA GLY C 32 -26.26 17.20 -2.97
C GLY C 32 -27.05 16.09 -3.65
N ILE C 33 -27.40 16.36 -4.92
CA ILE C 33 -28.08 15.41 -5.80
C ILE C 33 -27.20 15.16 -7.02
N PHE C 34 -26.96 13.89 -7.33
CA PHE C 34 -26.08 13.45 -8.41
C PHE C 34 -26.76 12.41 -9.28
N VAL C 35 -26.36 12.34 -10.56
CA VAL C 35 -26.92 11.42 -11.53
C VAL C 35 -26.32 10.04 -11.33
N GLN C 36 -27.20 9.09 -10.99
CA GLN C 36 -26.86 7.70 -10.74
C GLN C 36 -27.01 6.85 -12.02
N LEU C 37 -27.93 7.24 -12.91
CA LEU C 37 -28.13 6.55 -14.18
C LEU C 37 -28.73 7.52 -15.20
N VAL C 38 -28.18 7.46 -16.42
CA VAL C 38 -28.82 8.06 -17.59
C VAL C 38 -29.22 6.92 -18.52
N GLN C 39 -30.47 6.93 -19.03
CA GLN C 39 -30.95 5.90 -19.95
C GLN C 39 -30.57 6.26 -21.40
N ALA C 40 -30.14 5.25 -22.18
CA ALA C 40 -29.90 5.46 -23.60
C ALA C 40 -31.19 5.91 -24.29
N ASN C 41 -31.05 6.77 -25.31
N ASN C 41 -30.99 6.76 -25.33
CA ASN C 41 -32.18 7.21 -26.13
CA ASN C 41 -32.01 7.43 -26.15
C ASN C 41 -33.19 7.98 -25.30
C ASN C 41 -33.14 8.01 -25.31
N SER C 42 -32.77 8.54 -24.15
CA SER C 42 -33.69 9.25 -23.28
C SER C 42 -33.55 10.74 -23.54
N PRO C 43 -34.55 11.56 -23.16
CA PRO C 43 -34.39 13.01 -23.18
C PRO C 43 -33.17 13.51 -22.42
N ALA C 44 -32.84 12.81 -21.32
CA ALA C 44 -31.70 13.18 -20.50
C ALA C 44 -30.41 12.99 -21.28
N SER C 45 -30.28 11.83 -21.94
CA SER C 45 -29.08 11.54 -22.71
C SER C 45 -28.95 12.54 -23.85
N LEU C 46 -30.06 12.78 -24.54
CA LEU C 46 -30.05 13.62 -25.74
C LEU C 46 -29.62 15.04 -25.40
N VAL C 47 -29.98 15.54 -24.21
CA VAL C 47 -29.61 16.91 -23.92
C VAL C 47 -28.24 16.97 -23.21
N GLY C 48 -27.61 15.83 -22.94
CA GLY C 48 -26.19 15.81 -22.58
C GLY C 48 -25.90 15.55 -21.09
N LEU C 49 -26.89 15.06 -20.34
CA LEU C 49 -26.66 14.67 -18.96
C LEU C 49 -25.85 13.39 -18.91
N ARG C 50 -24.97 13.33 -17.89
CA ARG C 50 -23.98 12.29 -17.72
C ARG C 50 -23.96 11.78 -16.28
N PHE C 51 -23.67 10.48 -16.13
CA PHE C 51 -23.41 9.88 -14.84
C PHE C 51 -22.44 10.74 -14.03
N GLY C 52 -22.78 11.01 -12.76
CA GLY C 52 -21.88 11.74 -11.88
C GLY C 52 -22.10 13.25 -11.90
N ASP C 53 -22.98 13.72 -12.79
CA ASP C 53 -23.34 15.12 -12.84
C ASP C 53 -24.10 15.51 -11.58
N GLN C 54 -23.89 16.74 -11.10
CA GLN C 54 -24.59 17.27 -9.95
C GLN C 54 -25.76 18.13 -10.43
N VAL C 55 -26.95 17.89 -9.91
CA VAL C 55 -28.13 18.74 -10.13
C VAL C 55 -28.26 19.73 -8.97
N LEU C 56 -27.98 21.00 -9.26
CA LEU C 56 -28.02 22.07 -8.27
C LEU C 56 -29.46 22.54 -8.06
N GLN C 57 -30.15 22.85 -9.18
CA GLN C 57 -31.54 23.27 -9.19
C GLN C 57 -32.38 22.37 -10.09
N ILE C 58 -33.68 22.30 -9.79
CA ILE C 58 -34.74 21.82 -10.68
C ILE C 58 -35.85 22.86 -10.69
N ASN C 59 -36.16 23.37 -11.89
CA ASN C 59 -37.14 24.43 -12.09
C ASN C 59 -36.81 25.61 -11.20
N GLY C 60 -35.52 25.87 -10.95
CA GLY C 60 -35.12 27.04 -10.19
C GLY C 60 -35.05 26.79 -8.68
N GLU C 61 -35.43 25.60 -8.22
CA GLU C 61 -35.45 25.24 -6.82
C GLU C 61 -34.18 24.46 -6.46
N ASN C 62 -33.56 24.79 -5.32
CA ASN C 62 -32.31 24.17 -4.88
C ASN C 62 -32.53 22.73 -4.43
N CYS C 63 -31.60 21.84 -4.84
CA CYS C 63 -31.67 20.43 -4.51
C CYS C 63 -30.97 20.09 -3.20
N ALA C 64 -30.26 21.08 -2.64
CA ALA C 64 -29.50 20.88 -1.42
C ALA C 64 -30.38 20.22 -0.34
N GLY C 65 -29.87 19.09 0.18
CA GLY C 65 -30.51 18.42 1.28
C GLY C 65 -31.46 17.31 0.84
N TRP C 66 -31.97 17.39 -0.40
CA TRP C 66 -33.02 16.47 -0.83
C TRP C 66 -32.54 15.04 -0.72
N SER C 67 -33.46 14.17 -0.28
CA SER C 67 -33.29 12.75 -0.49
C SER C 67 -33.49 12.45 -1.98
N SER C 68 -33.04 11.25 -2.39
CA SER C 68 -33.28 10.68 -3.69
C SER C 68 -34.78 10.63 -3.99
N ASP C 69 -35.56 10.16 -3.00
CA ASP C 69 -37.00 9.99 -3.13
C ASP C 69 -37.65 11.34 -3.44
N LYS C 70 -37.19 12.39 -2.76
CA LYS C 70 -37.80 13.70 -2.95
C LYS C 70 -37.45 14.25 -4.33
N ALA C 71 -36.26 13.99 -4.85
CA ALA C 71 -35.87 14.57 -6.14
C ALA C 71 -36.69 13.91 -7.27
N HIS C 72 -36.78 12.57 -7.22
CA HIS C 72 -37.61 11.78 -8.12
C HIS C 72 -39.06 12.27 -8.11
N LYS C 73 -39.61 12.50 -6.92
CA LYS C 73 -40.99 12.92 -6.81
C LYS C 73 -41.19 14.29 -7.45
N VAL C 74 -40.28 15.24 -7.21
CA VAL C 74 -40.38 16.57 -7.80
C VAL C 74 -40.45 16.48 -9.34
N LEU C 75 -39.61 15.61 -9.93
CA LEU C 75 -39.55 15.43 -11.37
C LEU C 75 -40.81 14.73 -11.88
N LYS C 76 -41.25 13.71 -11.14
CA LYS C 76 -42.44 12.96 -11.49
C LYS C 76 -43.63 13.91 -11.53
N GLN C 77 -43.64 14.93 -10.67
CA GLN C 77 -44.77 15.85 -10.54
C GLN C 77 -44.67 17.08 -11.45
N ALA C 78 -43.55 17.28 -12.14
CA ALA C 78 -43.36 18.48 -12.95
C ALA C 78 -43.90 18.15 -14.32
N PHE C 79 -45.10 18.62 -14.66
CA PHE C 79 -45.67 18.34 -15.97
C PHE C 79 -45.84 19.62 -16.77
N GLY C 80 -45.62 20.78 -16.12
CA GLY C 80 -45.29 22.01 -16.82
C GLY C 80 -44.45 21.73 -18.07
N GLU C 81 -44.46 22.69 -19.02
CA GLU C 81 -44.10 22.45 -20.40
C GLU C 81 -42.66 21.97 -20.55
N LYS C 82 -41.70 22.71 -19.97
CA LYS C 82 -40.31 22.28 -19.91
C LYS C 82 -39.77 22.17 -18.48
N ILE C 83 -38.77 21.30 -18.32
CA ILE C 83 -38.07 21.10 -17.05
C ILE C 83 -36.67 21.70 -17.17
N THR C 84 -36.36 22.72 -16.35
CA THR C 84 -35.03 23.32 -16.36
C THR C 84 -34.23 22.74 -15.20
N MET C 85 -33.00 22.33 -15.48
CA MET C 85 -32.08 21.83 -14.47
C MET C 85 -30.77 22.61 -14.57
N THR C 86 -30.23 23.00 -13.43
CA THR C 86 -28.91 23.58 -13.38
C THR C 86 -27.91 22.52 -12.91
N ILE C 87 -26.83 22.37 -13.67
CA ILE C 87 -25.92 21.25 -13.61
C ILE C 87 -24.49 21.75 -13.38
N ARG C 88 -23.78 21.09 -12.45
CA ARG C 88 -22.33 21.15 -12.39
C ARG C 88 -21.78 19.84 -12.95
N ASP C 89 -20.80 19.95 -13.86
CA ASP C 89 -20.30 18.85 -14.67
C ASP C 89 -19.43 17.91 -13.83
N ARG C 90 -19.87 16.64 -13.78
CA ARG C 90 -19.16 15.52 -13.20
C ARG C 90 -18.11 15.92 -12.16
N PRO C 91 -18.53 16.52 -11.01
CA PRO C 91 -17.58 17.09 -10.05
C PRO C 91 -16.67 16.12 -9.29
N PHE C 92 -17.10 14.86 -9.14
CA PHE C 92 -16.28 13.88 -8.43
C PHE C 92 -15.30 13.21 -9.39
N GLU C 93 -15.29 13.59 -10.67
CA GLU C 93 -14.47 12.88 -11.64
C GLU C 93 -13.37 13.77 -12.20
N ARG C 94 -12.32 13.12 -12.73
N ARG C 94 -12.28 13.14 -12.67
CA ARG C 94 -11.24 13.76 -13.46
CA ARG C 94 -11.27 13.82 -13.48
C ARG C 94 -10.95 12.96 -14.74
C ARG C 94 -10.98 12.98 -14.72
N THR C 95 -10.41 13.63 -15.73
CA THR C 95 -10.03 12.97 -16.96
C THR C 95 -8.51 12.93 -17.04
N ILE C 96 -7.98 11.77 -17.43
CA ILE C 96 -6.54 11.60 -17.58
C ILE C 96 -6.27 11.15 -19.03
N THR C 97 -5.36 11.87 -19.72
CA THR C 97 -5.00 11.53 -21.09
C THR C 97 -3.66 10.79 -21.14
N MET C 98 -3.70 9.61 -21.76
CA MET C 98 -2.54 8.74 -21.88
C MET C 98 -2.33 8.37 -23.35
N HIS C 99 -1.14 7.88 -23.69
CA HIS C 99 -0.78 7.41 -25.02
C HIS C 99 -0.29 5.96 -24.90
N LYS C 100 -0.72 5.11 -25.84
CA LYS C 100 -0.30 3.72 -25.85
C LYS C 100 1.19 3.63 -26.18
N ASP C 101 1.87 2.58 -25.68
CA ASP C 101 3.23 2.26 -26.11
C ASP C 101 3.18 1.51 -27.44
N SER C 102 4.34 0.93 -27.84
CA SER C 102 4.47 0.18 -29.08
C SER C 102 3.61 -1.08 -29.09
N THR C 103 3.49 -1.75 -27.93
CA THR C 103 2.67 -2.95 -27.79
C THR C 103 1.18 -2.60 -27.67
N GLY C 104 0.84 -1.30 -27.66
CA GLY C 104 -0.54 -0.85 -27.58
C GLY C 104 -1.08 -0.86 -26.14
N HIS C 105 -0.19 -0.60 -25.17
CA HIS C 105 -0.51 -0.64 -23.75
C HIS C 105 -0.32 0.75 -23.14
N VAL C 106 -1.17 1.10 -22.16
CA VAL C 106 -1.15 2.43 -21.54
C VAL C 106 -0.56 2.37 -20.14
N GLY C 107 -0.81 1.24 -19.45
CA GLY C 107 0.04 0.77 -18.38
C GLY C 107 -0.70 0.64 -17.06
N PHE C 108 -1.84 -0.03 -17.05
CA PHE C 108 -2.53 -0.28 -15.81
C PHE C 108 -3.30 -1.60 -15.88
N ILE C 109 -3.57 -2.14 -14.69
CA ILE C 109 -4.39 -3.31 -14.51
C ILE C 109 -5.65 -2.83 -13.82
N PHE C 110 -6.80 -3.41 -14.18
CA PHE C 110 -8.05 -3.05 -13.55
C PHE C 110 -8.91 -4.30 -13.30
N LYS C 111 -9.94 -4.15 -12.46
CA LYS C 111 -10.75 -5.27 -12.01
C LYS C 111 -12.09 -4.71 -11.52
N ASN C 112 -13.20 -5.26 -12.04
CA ASN C 112 -14.53 -4.73 -11.83
C ASN C 112 -14.55 -3.22 -12.14
N GLY C 113 -13.84 -2.82 -13.21
CA GLY C 113 -13.81 -1.43 -13.63
C GLY C 113 -12.89 -0.54 -12.78
N LYS C 114 -12.27 -1.11 -11.73
CA LYS C 114 -11.46 -0.36 -10.78
C LYS C 114 -9.98 -0.58 -11.03
N ILE C 115 -9.21 0.51 -11.11
CA ILE C 115 -7.77 0.43 -11.38
C ILE C 115 -7.08 -0.09 -10.11
N THR C 116 -6.27 -1.15 -10.28
CA THR C 116 -5.69 -1.87 -9.15
C THR C 116 -4.16 -1.80 -9.15
N SER C 117 -3.55 -1.60 -10.31
CA SER C 117 -2.10 -1.45 -10.36
C SER C 117 -1.72 -0.58 -11.56
N ILE C 118 -0.61 0.16 -11.39
CA ILE C 118 -0.06 1.06 -12.40
C ILE C 118 1.33 0.52 -12.76
N VAL C 119 1.66 0.54 -14.05
CA VAL C 119 2.89 -0.04 -14.55
C VAL C 119 3.97 1.04 -14.59
N LYS C 120 5.15 0.70 -14.07
CA LYS C 120 6.31 1.59 -14.03
C LYS C 120 6.69 2.02 -15.45
N ASP C 121 7.03 3.30 -15.61
CA ASP C 121 7.46 3.89 -16.87
C ASP C 121 6.40 3.74 -17.97
N SER C 122 5.14 3.53 -17.57
CA SER C 122 4.04 3.56 -18.52
C SER C 122 3.53 5.00 -18.68
N SER C 123 2.61 5.20 -19.63
CA SER C 123 1.96 6.50 -19.81
C SER C 123 1.04 6.78 -18.62
N ALA C 124 0.37 5.73 -18.13
CA ALA C 124 -0.41 5.77 -16.91
C ALA C 124 0.40 6.39 -15.77
N ALA C 125 1.65 5.95 -15.61
CA ALA C 125 2.53 6.42 -14.55
C ALA C 125 2.98 7.87 -14.78
N ARG C 126 3.39 8.20 -16.02
CA ARG C 126 3.85 9.54 -16.36
C ARG C 126 2.75 10.59 -16.12
N ASN C 127 1.48 10.18 -16.30
CA ASN C 127 0.34 11.08 -16.19
C ASN C 127 -0.35 10.94 -14.82
N GLY C 128 0.21 10.11 -13.94
CA GLY C 128 -0.19 10.06 -12.54
C GLY C 128 -1.56 9.44 -12.33
N LEU C 129 -1.88 8.41 -13.12
CA LEU C 129 -3.09 7.63 -12.92
C LEU C 129 -3.03 6.98 -11.55
N LEU C 130 -4.21 6.83 -10.93
CA LEU C 130 -4.29 6.37 -9.56
C LEU C 130 -5.02 5.02 -9.50
N THR C 131 -4.66 4.20 -8.52
CA THR C 131 -5.41 3.00 -8.21
C THR C 131 -6.58 3.38 -7.33
N GLU C 132 -7.44 2.41 -7.05
CA GLU C 132 -8.62 2.63 -6.23
C GLU C 132 -9.51 3.72 -6.85
N HIS C 133 -9.56 3.76 -8.19
CA HIS C 133 -10.43 4.66 -8.92
C HIS C 133 -11.25 3.86 -9.94
N ASN C 134 -12.56 4.06 -9.98
CA ASN C 134 -13.41 3.43 -10.98
C ASN C 134 -13.35 4.20 -12.30
N ILE C 135 -13.31 3.43 -13.40
CA ILE C 135 -13.38 3.95 -14.75
C ILE C 135 -14.84 4.22 -15.05
N CYS C 136 -15.12 5.46 -15.43
CA CYS C 136 -16.47 5.90 -15.71
C CYS C 136 -16.67 6.06 -17.22
N GLU C 137 -15.64 6.58 -17.91
CA GLU C 137 -15.74 6.89 -19.32
C GLU C 137 -14.40 6.59 -19.97
N ILE C 138 -14.44 6.08 -21.21
CA ILE C 138 -13.28 6.03 -22.07
C ILE C 138 -13.55 6.90 -23.30
N ASN C 139 -12.67 7.87 -23.55
CA ASN C 139 -12.79 8.85 -24.62
C ASN C 139 -14.21 9.41 -24.65
N GLY C 140 -14.74 9.82 -23.48
CA GLY C 140 -16.07 10.42 -23.41
C GLY C 140 -17.22 9.40 -23.39
N GLN C 141 -16.92 8.11 -23.54
CA GLN C 141 -17.97 7.11 -23.61
C GLN C 141 -18.15 6.41 -22.25
N ASN C 142 -19.38 6.50 -21.71
CA ASN C 142 -19.76 5.83 -20.46
C ASN C 142 -19.60 4.31 -20.60
N VAL C 143 -18.85 3.68 -19.69
CA VAL C 143 -18.61 2.26 -19.72
C VAL C 143 -19.08 1.59 -18.43
N ILE C 144 -20.02 2.23 -17.73
CA ILE C 144 -20.39 1.75 -16.41
C ILE C 144 -21.40 0.62 -16.56
N GLY C 145 -21.08 -0.54 -15.99
CA GLY C 145 -21.92 -1.73 -16.11
C GLY C 145 -21.40 -2.72 -17.16
N LEU C 146 -20.44 -2.31 -18.00
CA LEU C 146 -19.77 -3.20 -18.95
C LEU C 146 -18.80 -4.13 -18.21
N LYS C 147 -18.52 -5.28 -18.81
CA LYS C 147 -17.60 -6.28 -18.28
C LYS C 147 -16.18 -5.83 -18.56
N ASP C 148 -15.23 -6.33 -17.76
CA ASP C 148 -13.85 -5.93 -17.91
C ASP C 148 -13.36 -6.28 -19.32
N SER C 149 -13.96 -7.32 -19.92
CA SER C 149 -13.59 -7.77 -21.25
C SER C 149 -13.99 -6.70 -22.28
N GLN C 150 -15.22 -6.19 -22.13
CA GLN C 150 -15.74 -5.13 -22.99
C GLN C 150 -14.89 -3.87 -22.84
N ILE C 151 -14.59 -3.49 -21.59
CA ILE C 151 -13.82 -2.28 -21.34
C ILE C 151 -12.44 -2.47 -21.95
N ALA C 152 -11.83 -3.64 -21.76
CA ALA C 152 -10.53 -3.96 -22.34
C ALA C 152 -10.59 -3.82 -23.87
N ASP C 153 -11.68 -4.26 -24.48
CA ASP C 153 -11.81 -4.24 -25.93
C ASP C 153 -11.94 -2.81 -26.43
N ILE C 154 -12.74 -1.99 -25.73
CA ILE C 154 -12.88 -0.57 -26.03
C ILE C 154 -11.52 0.11 -25.94
N LEU C 155 -10.69 -0.29 -24.97
CA LEU C 155 -9.37 0.29 -24.82
C LEU C 155 -8.54 -0.08 -26.04
N SER C 156 -8.66 -1.34 -26.48
CA SER C 156 -7.92 -1.83 -27.64
C SER C 156 -8.30 -1.04 -28.88
N THR C 157 -9.61 -0.84 -29.11
CA THR C 157 -10.11 -0.26 -30.35
C THR C 157 -9.94 1.26 -30.39
N SER C 158 -9.60 1.88 -29.26
CA SER C 158 -9.21 3.27 -29.24
C SER C 158 -7.88 3.43 -29.94
N GLY C 159 -7.57 4.67 -30.34
CA GLY C 159 -6.30 4.98 -30.98
C GLY C 159 -5.17 5.08 -29.96
N THR C 160 -4.08 5.71 -30.39
CA THR C 160 -2.93 5.99 -29.54
C THR C 160 -3.39 6.64 -28.24
N VAL C 161 -4.06 7.80 -28.42
CA VAL C 161 -4.36 8.72 -27.34
C VAL C 161 -5.66 8.28 -26.70
N VAL C 162 -5.60 7.94 -25.40
CA VAL C 162 -6.74 7.44 -24.64
C VAL C 162 -7.00 8.39 -23.47
N THR C 163 -8.25 8.83 -23.37
CA THR C 163 -8.69 9.65 -22.26
C THR C 163 -9.61 8.78 -21.38
N ILE C 164 -9.26 8.66 -20.10
CA ILE C 164 -10.09 7.93 -19.16
C ILE C 164 -10.62 8.91 -18.13
N THR C 165 -11.93 8.80 -17.85
CA THR C 165 -12.56 9.56 -16.78
C THR C 165 -12.74 8.64 -15.58
N ILE C 166 -12.16 9.04 -14.44
CA ILE C 166 -12.10 8.20 -13.26
C ILE C 166 -12.76 8.94 -12.11
N MET C 167 -13.17 8.13 -11.14
CA MET C 167 -13.85 8.57 -9.94
C MET C 167 -13.28 7.76 -8.79
N PRO C 168 -12.91 8.38 -7.64
CA PRO C 168 -12.45 7.62 -6.48
C PRO C 168 -13.46 6.54 -6.10
N ALA C 169 -12.94 5.35 -5.82
CA ALA C 169 -13.78 4.17 -5.74
C ALA C 169 -14.83 4.30 -4.66
N PHE C 170 -14.48 4.94 -3.52
N PHE C 170 -14.47 4.93 -3.51
CA PHE C 170 -15.40 5.00 -2.41
CA PHE C 170 -15.41 5.00 -2.40
C PHE C 170 -16.58 5.89 -2.77
C PHE C 170 -16.58 5.89 -2.77
N ILE C 171 -16.36 6.88 -3.66
CA ILE C 171 -17.45 7.76 -4.06
C ILE C 171 -18.29 7.02 -5.10
N PHE C 172 -17.61 6.36 -6.03
CA PHE C 172 -18.30 5.57 -7.04
C PHE C 172 -19.26 4.56 -6.39
N GLU C 173 -18.74 3.79 -5.42
CA GLU C 173 -19.52 2.76 -4.75
C GLU C 173 -20.72 3.38 -4.04
N HIS C 174 -20.59 4.62 -3.56
CA HIS C 174 -21.68 5.29 -2.87
C HIS C 174 -22.76 5.71 -3.84
N ILE C 175 -22.34 6.18 -5.03
CA ILE C 175 -23.28 6.72 -6.00
C ILE C 175 -24.16 5.59 -6.54
N ILE C 176 -23.58 4.40 -6.74
CA ILE C 176 -24.30 3.31 -7.39
C ILE C 176 -25.16 2.54 -6.37
N LYS C 177 -25.08 2.85 -5.06
CA LYS C 177 -25.99 2.29 -4.08
C LYS C 177 -27.43 2.71 -4.40
N ARG C 178 -28.39 1.88 -3.98
CA ARG C 178 -29.81 2.05 -4.23
C ARG C 178 -30.16 1.67 -5.67
N MET C 179 -29.34 0.82 -6.31
CA MET C 179 -29.55 0.47 -7.70
C MET C 179 -28.93 -0.91 -7.90
N ALA C 180 -29.73 -1.83 -8.47
CA ALA C 180 -29.35 -3.23 -8.60
C ALA C 180 -28.39 -3.40 -9.78
N PRO C 181 -27.24 -4.09 -9.62
CA PRO C 181 -26.26 -4.21 -10.70
C PRO C 181 -26.80 -4.54 -12.09
N SER C 182 -27.92 -5.28 -12.17
CA SER C 182 -28.49 -5.72 -13.43
C SER C 182 -29.23 -4.60 -14.16
N ILE C 183 -29.81 -3.68 -13.36
CA ILE C 183 -30.46 -2.48 -13.87
C ILE C 183 -29.39 -1.54 -14.47
N MET C 184 -28.34 -1.31 -13.68
CA MET C 184 -27.23 -0.47 -14.08
C MET C 184 -26.67 -0.99 -15.40
N LYS C 185 -26.45 -2.31 -15.49
CA LYS C 185 -25.82 -2.91 -16.66
C LYS C 185 -26.77 -2.90 -17.85
N SER C 186 -28.08 -2.91 -17.59
CA SER C 186 -29.05 -3.03 -18.66
C SER C 186 -29.57 -1.67 -19.11
N LEU C 187 -29.63 -0.65 -18.23
CA LEU C 187 -30.23 0.63 -18.61
C LEU C 187 -29.21 1.74 -18.91
N MET C 188 -27.96 1.59 -18.44
CA MET C 188 -27.03 2.72 -18.47
C MET C 188 -26.62 3.04 -19.90
N ASP C 189 -26.72 4.34 -20.23
CA ASP C 189 -26.35 4.94 -21.51
C ASP C 189 -24.87 4.70 -21.81
N HIS C 190 -24.58 4.09 -22.98
CA HIS C 190 -23.23 3.81 -23.46
C HIS C 190 -23.08 4.29 -24.90
N THR C 191 -23.98 5.21 -25.29
CA THR C 191 -24.04 5.91 -26.55
C THR C 191 -22.74 6.64 -26.82
N ILE C 192 -22.30 6.63 -28.08
CA ILE C 192 -21.37 7.65 -28.51
C ILE C 192 -22.21 8.75 -29.14
N PRO C 193 -22.16 10.00 -28.61
CA PRO C 193 -23.14 11.00 -29.01
C PRO C 193 -22.85 11.48 -30.45
N GLU C 194 -21.55 11.56 -30.79
CA GLU C 194 -21.08 12.23 -31.98
C GLU C 194 -19.62 11.84 -32.19
N VAL C 195 -19.23 11.81 -33.44
CA VAL C 195 -17.95 11.24 -33.84
C VAL C 195 -17.23 12.36 -34.59
N ILE D 5 1.73 -35.19 -21.58
CA ILE D 5 1.71 -36.53 -20.92
C ILE D 5 1.96 -37.61 -21.98
N LYS D 6 3.09 -38.33 -21.82
CA LYS D 6 3.65 -39.21 -22.84
C LYS D 6 3.06 -40.61 -22.68
N GLN D 7 2.44 -41.12 -23.75
CA GLN D 7 1.90 -42.48 -23.73
C GLN D 7 3.05 -43.49 -23.67
N GLY D 8 2.82 -44.60 -22.99
CA GLY D 8 3.85 -45.59 -22.80
C GLY D 8 4.89 -45.17 -21.78
N ILE D 9 6.03 -45.86 -21.89
CA ILE D 9 6.87 -46.26 -20.77
C ILE D 9 8.27 -45.70 -21.00
N ARG D 10 8.93 -45.25 -19.92
CA ARG D 10 10.33 -44.89 -20.00
C ARG D 10 11.10 -45.57 -18.86
N GLU D 11 12.44 -45.59 -18.98
CA GLU D 11 13.30 -46.08 -17.92
C GLU D 11 14.10 -44.91 -17.36
N VAL D 12 14.16 -44.83 -16.03
CA VAL D 12 15.00 -43.86 -15.35
C VAL D 12 16.00 -44.60 -14.46
N ILE D 13 17.17 -43.96 -14.28
CA ILE D 13 18.31 -44.52 -13.58
C ILE D 13 18.72 -43.54 -12.48
N LEU D 14 18.71 -43.99 -11.22
CA LEU D 14 18.88 -43.12 -10.07
C LEU D 14 20.09 -43.55 -9.26
N CYS D 15 20.57 -42.59 -8.45
CA CYS D 15 21.59 -42.80 -7.44
C CYS D 15 21.05 -42.26 -6.12
N LYS D 16 21.15 -43.06 -5.04
CA LYS D 16 20.79 -42.55 -3.73
C LYS D 16 21.73 -41.40 -3.37
N ASP D 17 21.19 -40.37 -2.71
CA ASP D 17 22.00 -39.25 -2.27
C ASP D 17 22.83 -39.67 -1.05
N GLN D 18 23.52 -38.70 -0.43
CA GLN D 18 24.42 -38.95 0.70
C GLN D 18 23.67 -39.54 1.89
N ASP D 19 22.39 -39.15 2.08
CA ASP D 19 21.56 -39.64 3.18
C ASP D 19 20.93 -40.99 2.88
N GLY D 20 21.14 -41.54 1.68
CA GLY D 20 20.54 -42.79 1.25
C GLY D 20 19.09 -42.63 0.77
N LYS D 21 18.72 -41.40 0.37
CA LYS D 21 17.37 -41.10 -0.09
C LYS D 21 17.34 -41.00 -1.61
N ILE D 22 16.13 -41.12 -2.17
CA ILE D 22 15.86 -40.86 -3.56
C ILE D 22 14.95 -39.64 -3.71
N GLY D 23 14.19 -39.33 -2.66
CA GLY D 23 13.27 -38.21 -2.69
C GLY D 23 11.94 -38.57 -3.34
N LEU D 24 11.39 -39.74 -2.95
CA LEU D 24 10.11 -40.25 -3.42
C LEU D 24 9.21 -40.58 -2.22
N ARG D 25 7.89 -40.39 -2.37
CA ARG D 25 6.96 -41.22 -1.61
C ARG D 25 5.95 -41.86 -2.56
N LEU D 26 5.59 -43.11 -2.24
CA LEU D 26 4.80 -43.94 -3.12
C LEU D 26 3.47 -44.25 -2.46
N LYS D 27 2.48 -44.57 -3.30
CA LYS D 27 1.15 -44.89 -2.81
C LYS D 27 0.56 -46.05 -3.61
N SER D 28 -0.10 -46.98 -2.88
CA SER D 28 -0.79 -48.10 -3.51
C SER D 28 -2.15 -47.61 -3.97
N ILE D 29 -2.42 -47.76 -5.27
CA ILE D 29 -3.69 -47.34 -5.85
C ILE D 29 -4.10 -48.37 -6.90
N ASP D 30 -5.28 -48.99 -6.72
CA ASP D 30 -5.83 -49.91 -7.72
C ASP D 30 -4.76 -50.97 -8.10
N ASN D 31 -3.99 -51.46 -7.11
CA ASN D 31 -2.94 -52.48 -7.27
C ASN D 31 -1.77 -52.02 -8.14
N GLY D 32 -1.63 -50.71 -8.25
CA GLY D 32 -0.42 -50.14 -8.81
C GLY D 32 0.30 -49.35 -7.74
N ILE D 33 1.47 -48.85 -8.15
CA ILE D 33 2.27 -47.97 -7.31
C ILE D 33 2.41 -46.65 -8.08
N PHE D 34 2.10 -45.57 -7.36
CA PHE D 34 2.12 -44.24 -7.94
C PHE D 34 2.89 -43.29 -7.03
N VAL D 35 3.50 -42.29 -7.68
CA VAL D 35 4.29 -41.28 -6.97
C VAL D 35 3.33 -40.28 -6.36
N GLN D 36 3.33 -40.23 -5.02
CA GLN D 36 2.54 -39.31 -4.23
C GLN D 36 3.37 -38.03 -3.92
N LEU D 37 4.71 -38.13 -3.93
CA LEU D 37 5.58 -36.98 -3.74
C LEU D 37 6.92 -37.15 -4.44
N VAL D 38 7.36 -36.10 -5.16
CA VAL D 38 8.76 -35.96 -5.54
C VAL D 38 9.35 -34.80 -4.74
N GLN D 39 10.49 -35.05 -4.08
CA GLN D 39 11.14 -34.04 -3.24
C GLN D 39 12.01 -33.11 -4.11
N ALA D 40 11.96 -31.80 -3.81
CA ALA D 40 12.80 -30.83 -4.49
C ALA D 40 14.27 -31.21 -4.20
N ASN D 41 15.15 -30.94 -5.17
CA ASN D 41 16.58 -31.13 -4.98
C ASN D 41 16.90 -32.62 -4.78
N SER D 42 16.01 -33.54 -5.17
CA SER D 42 16.24 -34.95 -4.92
C SER D 42 16.79 -35.61 -6.19
N PRO D 43 17.41 -36.80 -6.06
CA PRO D 43 17.77 -37.60 -7.24
C PRO D 43 16.58 -37.91 -8.14
N ALA D 44 15.41 -38.07 -7.53
CA ALA D 44 14.19 -38.36 -8.26
C ALA D 44 13.80 -37.16 -9.12
N SER D 45 13.83 -35.95 -8.53
CA SER D 45 13.49 -34.75 -9.28
C SER D 45 14.47 -34.57 -10.43
N LEU D 46 15.77 -34.71 -10.11
CA LEU D 46 16.83 -34.47 -11.09
C LEU D 46 16.71 -35.41 -12.29
N VAL D 47 16.24 -36.65 -12.11
CA VAL D 47 16.15 -37.56 -13.25
C VAL D 47 14.78 -37.43 -13.94
N GLY D 48 13.84 -36.64 -13.39
CA GLY D 48 12.62 -36.33 -14.14
C GLY D 48 11.36 -37.10 -13.72
N LEU D 49 11.36 -37.61 -12.49
CA LEU D 49 10.14 -38.17 -11.93
C LEU D 49 9.19 -37.02 -11.60
N ARG D 50 7.89 -37.33 -11.79
CA ARG D 50 6.79 -36.42 -11.49
C ARG D 50 5.72 -37.11 -10.64
N PHE D 51 5.10 -36.29 -9.77
CA PHE D 51 3.87 -36.67 -9.07
C PHE D 51 2.87 -37.31 -10.04
N GLY D 52 2.29 -38.46 -9.61
CA GLY D 52 1.25 -39.15 -10.35
C GLY D 52 1.80 -40.12 -11.39
N ASP D 53 3.15 -40.22 -11.47
CA ASP D 53 3.81 -41.20 -12.30
C ASP D 53 3.51 -42.58 -11.69
N GLN D 54 3.36 -43.56 -12.57
CA GLN D 54 3.23 -44.94 -12.14
C GLN D 54 4.60 -45.62 -12.21
N VAL D 55 4.98 -46.31 -11.13
CA VAL D 55 6.19 -47.13 -11.12
C VAL D 55 5.83 -48.59 -11.46
N LEU D 56 6.21 -49.06 -12.66
CA LEU D 56 5.85 -50.38 -13.13
C LEU D 56 6.80 -51.43 -12.55
N GLN D 57 8.11 -51.17 -12.75
CA GLN D 57 9.19 -51.98 -12.22
C GLN D 57 10.12 -51.15 -11.33
N ILE D 58 10.76 -51.85 -10.38
CA ILE D 58 11.95 -51.37 -9.69
C ILE D 58 13.01 -52.47 -9.79
N ASN D 59 14.15 -52.09 -10.38
CA ASN D 59 15.29 -52.98 -10.52
C ASN D 59 14.83 -54.23 -11.28
N GLY D 60 13.90 -54.07 -12.23
CA GLY D 60 13.45 -55.17 -13.07
C GLY D 60 12.24 -55.92 -12.50
N GLU D 61 11.86 -55.65 -11.25
CA GLU D 61 10.81 -56.39 -10.56
C GLU D 61 9.49 -55.62 -10.62
N ASN D 62 8.39 -56.33 -10.94
CA ASN D 62 7.06 -55.75 -11.08
C ASN D 62 6.50 -55.25 -9.74
N CYS D 63 5.94 -54.04 -9.74
CA CYS D 63 5.42 -53.41 -8.51
C CYS D 63 3.95 -53.75 -8.26
N ALA D 64 3.33 -54.39 -9.25
CA ALA D 64 1.94 -54.77 -9.21
C ALA D 64 1.61 -55.48 -7.90
N GLY D 65 0.65 -54.91 -7.16
CA GLY D 65 0.12 -55.58 -5.99
C GLY D 65 0.75 -55.07 -4.71
N TRP D 66 1.94 -54.46 -4.83
CA TRP D 66 2.69 -54.12 -3.63
C TRP D 66 1.85 -53.14 -2.81
N SER D 67 1.92 -53.29 -1.49
CA SER D 67 1.49 -52.26 -0.57
C SER D 67 2.50 -51.12 -0.64
N SER D 68 2.14 -49.99 -0.03
CA SER D 68 3.02 -48.83 0.12
C SER D 68 4.27 -49.22 0.88
N ASP D 69 4.08 -49.95 1.99
CA ASP D 69 5.17 -50.36 2.89
C ASP D 69 6.18 -51.20 2.10
N LYS D 70 5.68 -52.09 1.24
CA LYS D 70 6.57 -52.98 0.53
C LYS D 70 7.40 -52.21 -0.50
N ALA D 71 6.80 -51.21 -1.14
CA ALA D 71 7.52 -50.51 -2.19
C ALA D 71 8.64 -49.66 -1.59
N HIS D 72 8.31 -48.94 -0.51
CA HIS D 72 9.25 -48.17 0.27
C HIS D 72 10.42 -49.03 0.72
N LYS D 73 10.11 -50.21 1.24
CA LYS D 73 11.13 -51.08 1.78
C LYS D 73 12.08 -51.53 0.69
N VAL D 74 11.53 -51.92 -0.48
CA VAL D 74 12.38 -52.34 -1.58
C VAL D 74 13.39 -51.26 -1.96
N LEU D 75 12.93 -49.99 -1.99
CA LEU D 75 13.76 -48.85 -2.35
C LEU D 75 14.80 -48.58 -1.27
N LYS D 76 14.34 -48.64 -0.02
CA LYS D 76 15.18 -48.33 1.11
C LYS D 76 16.32 -49.37 1.14
N GLN D 77 16.05 -50.62 0.73
CA GLN D 77 17.01 -51.70 0.90
C GLN D 77 17.77 -51.99 -0.40
N ALA D 78 17.58 -51.17 -1.45
CA ALA D 78 18.38 -51.31 -2.66
C ALA D 78 19.75 -50.63 -2.52
N PHE D 79 20.79 -51.34 -2.99
CA PHE D 79 22.13 -50.78 -3.15
C PHE D 79 22.04 -49.45 -3.90
N GLY D 80 22.56 -48.39 -3.27
CA GLY D 80 22.29 -47.02 -3.70
C GLY D 80 22.89 -46.65 -5.06
N GLU D 81 23.82 -47.49 -5.52
CA GLU D 81 24.63 -47.25 -6.70
C GLU D 81 23.79 -46.99 -7.95
N LYS D 82 22.87 -47.90 -8.28
CA LYS D 82 22.10 -47.80 -9.50
C LYS D 82 20.74 -48.42 -9.26
N ILE D 83 19.71 -47.56 -9.24
CA ILE D 83 18.31 -47.97 -9.18
C ILE D 83 17.69 -47.73 -10.56
N THR D 84 17.20 -48.78 -11.19
CA THR D 84 16.42 -48.63 -12.42
C THR D 84 14.94 -48.67 -12.04
N MET D 85 14.19 -47.72 -12.60
CA MET D 85 12.73 -47.70 -12.45
C MET D 85 12.12 -47.60 -13.84
N THR D 86 11.11 -48.42 -14.09
CA THR D 86 10.34 -48.29 -15.32
C THR D 86 9.04 -47.56 -14.99
N ILE D 87 8.77 -46.50 -15.78
CA ILE D 87 7.80 -45.46 -15.45
C ILE D 87 6.79 -45.34 -16.59
N ARG D 88 5.51 -45.29 -16.22
CA ARG D 88 4.46 -44.81 -17.11
C ARG D 88 4.11 -43.39 -16.69
N ASP D 89 4.13 -42.47 -17.68
CA ASP D 89 3.96 -41.06 -17.45
C ASP D 89 2.54 -40.67 -17.03
N ARG D 90 2.48 -40.09 -15.83
CA ARG D 90 1.30 -39.44 -15.26
C ARG D 90 -0.02 -39.97 -15.81
N PRO D 91 -0.35 -41.26 -15.62
CA PRO D 91 -1.52 -41.88 -16.21
C PRO D 91 -2.90 -41.40 -15.74
N PHE D 92 -3.01 -40.91 -14.51
CA PHE D 92 -4.26 -40.39 -14.01
C PHE D 92 -4.53 -38.95 -14.45
N GLU D 93 -3.57 -38.31 -15.15
CA GLU D 93 -3.66 -36.88 -15.40
C GLU D 93 -3.77 -36.57 -16.88
N ARG D 94 -4.28 -35.38 -17.21
CA ARG D 94 -4.44 -34.91 -18.59
C ARG D 94 -4.06 -33.44 -18.66
N THR D 95 -3.66 -32.96 -19.84
CA THR D 95 -3.33 -31.54 -19.95
C THR D 95 -4.37 -30.81 -20.81
N ILE D 96 -4.68 -29.59 -20.41
CA ILE D 96 -5.63 -28.74 -21.12
C ILE D 96 -4.92 -27.43 -21.47
N THR D 97 -4.91 -27.08 -22.77
CA THR D 97 -4.24 -25.88 -23.23
C THR D 97 -5.26 -24.77 -23.50
N MET D 98 -5.08 -23.64 -22.84
CA MET D 98 -5.98 -22.50 -22.91
C MET D 98 -5.17 -21.25 -23.30
N HIS D 99 -5.90 -20.24 -23.80
CA HIS D 99 -5.32 -18.93 -24.09
C HIS D 99 -6.02 -17.87 -23.24
N LYS D 100 -5.23 -16.96 -22.69
CA LYS D 100 -5.79 -15.93 -21.82
C LYS D 100 -6.63 -14.94 -22.65
N ASP D 101 -7.64 -14.34 -22.03
CA ASP D 101 -8.40 -13.25 -22.64
C ASP D 101 -7.63 -11.94 -22.47
N SER D 102 -8.30 -10.82 -22.75
CA SER D 102 -7.71 -9.49 -22.64
C SER D 102 -7.37 -9.14 -21.18
N THR D 103 -8.20 -9.58 -20.23
CA THR D 103 -7.96 -9.38 -18.80
C THR D 103 -6.90 -10.36 -18.26
N GLY D 104 -6.39 -11.25 -19.10
CA GLY D 104 -5.39 -12.23 -18.70
C GLY D 104 -5.98 -13.46 -18.00
N HIS D 105 -7.23 -13.83 -18.31
CA HIS D 105 -7.99 -14.89 -17.66
C HIS D 105 -8.33 -16.00 -18.65
N VAL D 106 -8.64 -17.18 -18.09
CA VAL D 106 -8.88 -18.38 -18.88
C VAL D 106 -10.32 -18.84 -18.68
N GLY D 107 -10.90 -18.61 -17.49
CA GLY D 107 -12.35 -18.69 -17.34
C GLY D 107 -12.84 -19.81 -16.40
N PHE D 108 -12.28 -19.86 -15.20
CA PHE D 108 -12.77 -20.84 -14.24
C PHE D 108 -12.62 -20.32 -12.82
N ILE D 109 -13.38 -20.93 -11.93
CA ILE D 109 -13.24 -20.74 -10.51
C ILE D 109 -12.64 -22.05 -9.97
N PHE D 110 -11.68 -21.92 -9.05
CA PHE D 110 -11.14 -23.08 -8.39
C PHE D 110 -11.03 -22.81 -6.90
N LYS D 111 -10.91 -23.89 -6.14
CA LYS D 111 -10.92 -23.82 -4.68
C LYS D 111 -10.20 -25.05 -4.13
N ASN D 112 -9.19 -24.82 -3.28
CA ASN D 112 -8.36 -25.90 -2.75
C ASN D 112 -7.77 -26.68 -3.92
N GLY D 113 -7.36 -25.95 -4.97
CA GLY D 113 -6.74 -26.54 -6.15
C GLY D 113 -7.75 -27.20 -7.11
N LYS D 114 -9.02 -27.28 -6.71
CA LYS D 114 -10.02 -28.04 -7.43
C LYS D 114 -10.95 -27.12 -8.23
N ILE D 115 -11.13 -27.42 -9.53
CA ILE D 115 -11.93 -26.59 -10.40
C ILE D 115 -13.39 -26.83 -10.09
N THR D 116 -14.14 -25.75 -9.82
CA THR D 116 -15.49 -25.83 -9.26
C THR D 116 -16.53 -25.20 -10.18
N SER D 117 -16.13 -24.26 -11.05
CA SER D 117 -17.07 -23.71 -12.01
C SER D 117 -16.30 -23.26 -13.24
N ILE D 118 -16.99 -23.35 -14.40
CA ILE D 118 -16.43 -22.96 -15.69
C ILE D 118 -17.23 -21.77 -16.20
N VAL D 119 -16.53 -20.80 -16.79
CA VAL D 119 -17.15 -19.57 -17.27
C VAL D 119 -17.57 -19.76 -18.72
N LYS D 120 -18.83 -19.38 -19.01
CA LYS D 120 -19.42 -19.47 -20.33
C LYS D 120 -18.58 -18.68 -21.33
N ASP D 121 -18.36 -19.26 -22.51
CA ASP D 121 -17.62 -18.66 -23.61
C ASP D 121 -16.20 -18.24 -23.22
N SER D 122 -15.65 -18.85 -22.16
CA SER D 122 -14.25 -18.71 -21.82
C SER D 122 -13.40 -19.72 -22.58
N SER D 123 -12.07 -19.57 -22.47
CA SER D 123 -11.13 -20.51 -23.07
C SER D 123 -11.24 -21.87 -22.38
N ALA D 124 -11.43 -21.85 -21.06
CA ALA D 124 -11.70 -23.03 -20.25
C ALA D 124 -12.88 -23.82 -20.83
N ALA D 125 -13.96 -23.13 -21.23
CA ALA D 125 -15.15 -23.77 -21.79
C ALA D 125 -14.88 -24.32 -23.18
N ARG D 126 -14.22 -23.52 -24.05
CA ARG D 126 -13.91 -23.92 -25.41
C ARG D 126 -13.04 -25.19 -25.43
N ASN D 127 -12.17 -25.33 -24.42
CA ASN D 127 -11.19 -26.41 -24.36
C ASN D 127 -11.66 -27.53 -23.43
N GLY D 128 -12.89 -27.40 -22.89
CA GLY D 128 -13.56 -28.50 -22.20
C GLY D 128 -12.95 -28.85 -20.86
N LEU D 129 -12.57 -27.81 -20.13
CA LEU D 129 -12.12 -27.97 -18.75
C LEU D 129 -13.29 -28.51 -17.92
N LEU D 130 -12.97 -29.30 -16.90
CA LEU D 130 -13.96 -30.03 -16.14
C LEU D 130 -13.91 -29.57 -14.70
N THR D 131 -15.06 -29.62 -14.03
CA THR D 131 -15.11 -29.37 -12.61
C THR D 131 -14.82 -30.67 -11.89
N GLU D 132 -14.70 -30.58 -10.56
CA GLU D 132 -14.37 -31.73 -9.74
C GLU D 132 -13.02 -32.36 -10.16
N HIS D 133 -12.06 -31.55 -10.64
CA HIS D 133 -10.73 -32.01 -11.01
C HIS D 133 -9.66 -31.15 -10.35
N ASN D 134 -8.62 -31.75 -9.77
CA ASN D 134 -7.55 -31.03 -9.09
C ASN D 134 -6.49 -30.61 -10.10
N ILE D 135 -5.95 -29.40 -9.92
CA ILE D 135 -4.82 -28.86 -10.68
C ILE D 135 -3.54 -29.45 -10.11
N CYS D 136 -2.78 -30.09 -10.98
CA CYS D 136 -1.53 -30.77 -10.64
C CYS D 136 -0.32 -29.95 -11.09
N GLU D 137 -0.39 -29.41 -12.31
CA GLU D 137 0.76 -28.74 -12.90
C GLU D 137 0.29 -27.55 -13.74
N ILE D 138 1.04 -26.45 -13.74
CA ILE D 138 0.86 -25.35 -14.66
C ILE D 138 2.10 -25.22 -15.52
N ASN D 139 1.89 -25.31 -16.85
CA ASN D 139 2.96 -25.35 -17.85
C ASN D 139 4.07 -26.31 -17.41
N GLY D 140 3.70 -27.53 -17.00
CA GLY D 140 4.68 -28.53 -16.59
C GLY D 140 5.19 -28.37 -15.15
N GLN D 141 4.77 -27.32 -14.43
CA GLN D 141 5.27 -27.09 -13.07
C GLN D 141 4.29 -27.56 -12.01
N ASN D 142 4.74 -28.48 -11.16
CA ASN D 142 4.01 -29.04 -10.02
C ASN D 142 3.62 -27.92 -9.06
N VAL D 143 2.32 -27.85 -8.74
CA VAL D 143 1.79 -26.83 -7.85
C VAL D 143 1.02 -27.49 -6.69
N ILE D 144 1.37 -28.75 -6.40
CA ILE D 144 0.54 -29.52 -5.48
C ILE D 144 0.93 -29.18 -4.04
N GLY D 145 -0.07 -28.73 -3.25
CA GLY D 145 0.17 -28.32 -1.88
C GLY D 145 0.30 -26.80 -1.72
N LEU D 146 0.56 -26.04 -2.81
CA LEU D 146 0.57 -24.57 -2.82
C LEU D 146 -0.85 -24.01 -2.59
N LYS D 147 -0.90 -22.76 -2.12
CA LYS D 147 -2.14 -22.03 -1.86
C LYS D 147 -2.77 -21.58 -3.17
N ASP D 148 -4.09 -21.37 -3.17
CA ASP D 148 -4.81 -20.98 -4.37
C ASP D 148 -4.24 -19.65 -4.88
N SER D 149 -3.68 -18.85 -3.97
CA SER D 149 -3.14 -17.55 -4.32
C SER D 149 -1.87 -17.74 -5.14
N GLN D 150 -1.03 -18.67 -4.70
CA GLN D 150 0.19 -19.04 -5.41
C GLN D 150 -0.15 -19.62 -6.78
N ILE D 151 -1.13 -20.53 -6.83
CA ILE D 151 -1.55 -21.13 -8.09
C ILE D 151 -2.06 -20.02 -9.02
N ALA D 152 -2.90 -19.10 -8.48
CA ALA D 152 -3.37 -17.96 -9.25
C ALA D 152 -2.19 -17.15 -9.81
N ASP D 153 -1.14 -16.98 -9.00
CA ASP D 153 -0.02 -16.13 -9.42
C ASP D 153 0.77 -16.82 -10.53
N ILE D 154 0.98 -18.14 -10.39
CA ILE D 154 1.66 -18.93 -11.41
C ILE D 154 0.86 -18.90 -12.72
N LEU D 155 -0.47 -18.87 -12.63
CA LEU D 155 -1.32 -18.73 -13.82
C LEU D 155 -1.04 -17.36 -14.46
N SER D 156 -0.93 -16.32 -13.62
CA SER D 156 -0.69 -14.97 -14.09
C SER D 156 0.64 -14.90 -14.83
N THR D 157 1.70 -15.48 -14.23
CA THR D 157 3.07 -15.33 -14.74
C THR D 157 3.33 -16.19 -15.98
N SER D 158 2.43 -17.12 -16.29
CA SER D 158 2.47 -17.82 -17.56
C SER D 158 2.20 -16.85 -18.72
N GLY D 159 2.58 -17.29 -19.93
CA GLY D 159 2.33 -16.53 -21.14
C GLY D 159 0.85 -16.61 -21.57
N THR D 160 0.58 -16.11 -22.78
CA THR D 160 -0.74 -16.18 -23.40
C THR D 160 -1.30 -17.60 -23.27
N VAL D 161 -0.48 -18.57 -23.71
CA VAL D 161 -0.82 -19.96 -23.71
C VAL D 161 -0.56 -20.54 -22.32
N VAL D 162 -1.64 -21.04 -21.68
CA VAL D 162 -1.55 -21.73 -20.40
C VAL D 162 -1.91 -23.21 -20.60
N THR D 163 -1.02 -24.08 -20.13
CA THR D 163 -1.32 -25.49 -20.07
C THR D 163 -1.50 -25.86 -18.61
N ILE D 164 -2.67 -26.42 -18.25
CA ILE D 164 -2.80 -26.98 -16.91
C ILE D 164 -3.05 -28.49 -16.99
N THR D 165 -2.42 -29.22 -16.08
CA THR D 165 -2.57 -30.64 -15.92
C THR D 165 -3.53 -30.95 -14.76
N ILE D 166 -4.57 -31.74 -15.03
CA ILE D 166 -5.63 -32.00 -14.05
C ILE D 166 -5.74 -33.51 -13.74
N MET D 167 -6.39 -33.81 -12.61
CA MET D 167 -6.65 -35.16 -12.14
C MET D 167 -8.06 -35.18 -11.52
N PRO D 168 -8.92 -36.18 -11.83
CA PRO D 168 -10.23 -36.29 -11.18
C PRO D 168 -10.13 -36.30 -9.67
N ALA D 169 -11.02 -35.56 -9.03
CA ALA D 169 -10.86 -35.26 -7.62
C ALA D 169 -10.81 -36.51 -6.76
N PHE D 170 -11.63 -37.51 -7.09
N PHE D 170 -11.65 -37.50 -7.06
CA PHE D 170 -11.73 -38.72 -6.25
CA PHE D 170 -11.73 -38.68 -6.20
C PHE D 170 -10.40 -39.47 -6.29
C PHE D 170 -10.47 -39.54 -6.33
N ILE D 171 -9.69 -39.39 -7.41
CA ILE D 171 -8.44 -40.10 -7.57
C ILE D 171 -7.36 -39.29 -6.88
N PHE D 172 -7.39 -37.97 -7.08
CA PHE D 172 -6.46 -37.06 -6.45
C PHE D 172 -6.48 -37.26 -4.94
N GLU D 173 -7.68 -37.23 -4.35
CA GLU D 173 -7.83 -37.38 -2.92
C GLU D 173 -7.29 -38.70 -2.43
N HIS D 174 -7.40 -39.75 -3.24
CA HIS D 174 -6.94 -41.06 -2.84
C HIS D 174 -5.41 -41.12 -2.83
N ILE D 175 -4.79 -40.47 -3.83
CA ILE D 175 -3.34 -40.51 -4.01
C ILE D 175 -2.67 -39.77 -2.86
N ILE D 176 -3.25 -38.64 -2.42
CA ILE D 176 -2.60 -37.81 -1.42
C ILE D 176 -2.92 -38.32 -0.01
N LYS D 177 -3.78 -39.33 0.13
CA LYS D 177 -4.11 -39.85 1.46
C LYS D 177 -2.88 -40.51 2.08
N ARG D 178 -2.80 -40.46 3.43
CA ARG D 178 -1.65 -40.95 4.20
C ARG D 178 -0.41 -40.09 3.97
N MET D 179 -0.61 -38.77 3.86
CA MET D 179 0.50 -37.83 3.70
C MET D 179 0.12 -36.54 4.41
N ALA D 180 1.01 -36.11 5.32
CA ALA D 180 0.76 -35.01 6.24
C ALA D 180 0.87 -33.67 5.51
N PRO D 181 -0.14 -32.76 5.66
CA PRO D 181 -0.18 -31.50 4.90
C PRO D 181 1.15 -30.75 4.78
N SER D 182 1.93 -30.81 5.87
CA SER D 182 3.14 -30.03 6.06
C SER D 182 4.30 -30.65 5.29
N ILE D 183 4.27 -31.98 5.08
CA ILE D 183 5.24 -32.66 4.24
C ILE D 183 5.03 -32.23 2.78
N MET D 184 3.77 -32.31 2.33
CA MET D 184 3.40 -31.92 0.97
C MET D 184 3.91 -30.50 0.73
N LYS D 185 3.62 -29.59 1.67
CA LYS D 185 3.91 -28.18 1.53
C LYS D 185 5.41 -27.92 1.63
N SER D 186 6.13 -28.77 2.35
CA SER D 186 7.55 -28.53 2.63
C SER D 186 8.44 -29.28 1.64
N LEU D 187 8.05 -30.48 1.14
CA LEU D 187 9.00 -31.30 0.40
C LEU D 187 8.73 -31.30 -1.11
N MET D 188 7.50 -30.91 -1.51
CA MET D 188 7.06 -31.18 -2.86
C MET D 188 7.85 -30.29 -3.83
N ASP D 189 8.42 -30.93 -4.86
CA ASP D 189 9.17 -30.32 -5.93
C ASP D 189 8.28 -29.36 -6.74
N HIS D 190 8.71 -28.09 -6.87
CA HIS D 190 7.96 -27.09 -7.62
C HIS D 190 8.87 -26.41 -8.64
N THR D 191 10.02 -27.04 -8.94
CA THR D 191 11.06 -26.42 -9.76
C THR D 191 10.57 -26.27 -11.19
N ILE D 192 11.02 -25.19 -11.83
CA ILE D 192 10.89 -25.07 -13.28
C ILE D 192 12.29 -25.04 -13.89
N PRO D 193 12.41 -25.33 -15.21
CA PRO D 193 13.72 -25.33 -15.86
C PRO D 193 14.39 -23.95 -15.88
N GLU D 194 13.62 -22.85 -16.07
CA GLU D 194 14.19 -21.51 -16.07
C GLU D 194 13.08 -20.46 -16.00
N VAL D 195 13.46 -19.21 -15.66
CA VAL D 195 12.54 -18.08 -15.73
C VAL D 195 12.72 -17.26 -17.04
C1 EDO E . -8.80 6.37 -0.78
O1 EDO E . -7.48 5.89 -0.75
C2 EDO E . -8.91 7.82 -0.44
O2 EDO E . -7.67 8.38 -0.09
C1 EDO F . 20.95 9.89 39.30
O1 EDO F . 21.09 9.60 37.97
C2 EDO F . 21.39 11.26 39.53
O2 EDO F . 20.41 12.24 39.15
C1 EDO G . 22.56 -0.51 19.12
O1 EDO G . 22.47 -1.90 18.93
C2 EDO G . 23.63 0.25 18.39
O2 EDO G . 24.44 1.05 19.25
N DGL H . 10.68 16.17 35.93
CA DGL H . 10.70 14.70 35.66
C DGL H . 10.81 14.45 34.15
O DGL H . 10.67 15.46 33.37
CB DGL H . 11.85 14.02 36.44
CG DGL H . 13.08 14.90 36.61
CD DGL H . 14.36 14.16 36.98
OE1 DGL H . 15.43 14.86 37.03
OE2 DGL H . 14.30 12.90 37.18
OXT DGL H . 11.03 13.22 33.77
C1 EDO I . -22.35 9.70 -23.06
O1 EDO I . -21.03 9.98 -22.57
C2 EDO I . -22.70 8.26 -22.99
O2 EDO I . -21.56 7.42 -23.04
C1 EDO J . -18.46 9.00 -0.17
O1 EDO J . -19.20 9.26 -1.33
C2 EDO J . -18.50 10.15 0.77
O2 EDO J . -19.82 10.51 1.17
C1 EDO K . -12.26 14.33 -6.34
O1 EDO K . -11.59 13.79 -7.51
C2 EDO K . -13.58 15.00 -6.54
O2 EDO K . -13.79 16.23 -5.84
N GLY L . -29.55 8.89 2.11
CA GLY L . -30.95 9.20 1.74
C GLY L . -31.20 9.08 0.24
O GLY L . -32.00 9.90 -0.26
OXT GLY L . -30.59 8.18 -0.40
N1 LQ3 M . -8.78 -18.58 -6.62
C4 LQ3 M . -7.74 -16.50 -7.73
C5 LQ3 M . -7.73 -17.50 -6.59
C6 LQ3 M . -9.79 -18.70 -7.72
F1 LQ3 M . -9.25 -18.40 -11.60
C1 LQ3 M . -10.12 -17.41 -11.20
F2 LQ3 M . -11.00 -17.21 -12.24
O1 LQ3 M . -10.71 -17.73 -9.95
C2 LQ3 M . -9.78 -17.69 -8.87
C3 LQ3 M . -8.75 -16.61 -8.83
O2 LQ3 M . -6.92 -17.37 -5.72
C1 EDO N . 8.80 -30.54 -12.10
O1 EDO N . 7.74 -31.02 -12.93
C2 EDO N . 8.31 -30.06 -10.76
O2 EDO N . 7.55 -28.82 -10.76
C1 EDO O . -10.16 -45.61 -6.67
O1 EDO O . -9.42 -46.51 -5.84
C2 EDO O . -10.00 -44.16 -6.35
O2 EDO O . -8.69 -43.62 -6.43
S SO4 P . -8.73 -20.86 -27.10
O1 SO4 P . -9.71 -21.69 -27.74
O2 SO4 P . -9.37 -20.01 -26.14
O3 SO4 P . -7.77 -21.70 -26.43
O4 SO4 P . -8.06 -20.04 -28.08
S SO4 Q . -6.16 -21.08 -0.36
O1 SO4 Q . -5.86 -20.09 0.64
O2 SO4 Q . -6.85 -20.42 -1.45
O3 SO4 Q . -4.94 -21.68 -0.80
O4 SO4 Q . -7.01 -22.11 0.19
S SO4 R . 7.08 -42.81 4.19
O1 SO4 R . 6.20 -43.61 3.39
O2 SO4 R . 6.50 -41.51 4.36
O3 SO4 R . 7.27 -43.44 5.47
O4 SO4 R . 8.35 -42.67 3.51
N DGL S . -3.59 -50.31 2.50
CA DGL S . -3.46 -48.87 2.13
C DGL S . -2.08 -48.62 1.52
O DGL S . -1.85 -47.46 1.04
CB DGL S . -4.64 -48.45 1.24
CG DGL S . -4.96 -49.40 0.07
CD DGL S . -5.51 -48.74 -1.19
OE1 DGL S . -5.91 -47.55 -1.11
OE2 DGL S . -5.56 -49.42 -2.24
OXT DGL S . -1.26 -49.59 1.59
N GLY T . -4.12 -53.46 -2.40
CA GLY T . -3.66 -52.49 -1.38
C GLY T . -2.44 -53.03 -0.64
O GLY T . -2.03 -52.38 0.35
OXT GLY T . -1.94 -54.08 -1.10
#